data_5W7D
#
_entry.id   5W7D
#
_cell.length_a   46.527
_cell.length_b   98.590
_cell.length_c   73.488
_cell.angle_alpha   90.00
_cell.angle_beta   99.68
_cell.angle_gamma   90.00
#
_symmetry.space_group_name_H-M   'P 1 21 1'
#
loop_
_entity.id
_entity.type
_entity.pdbx_description
1 polymer 'Acyloxyacyl hydrolase'
2 branched 2-acetamido-2-deoxy-beta-D-glucopyranose-(1-4)-2-acetamido-2-deoxy-beta-D-glucopyranose
3 non-polymer 'CALCIUM ION'
4 non-polymer 2-acetamido-2-deoxy-beta-D-glucopyranose
5 non-polymer GLYCEROL
6 non-polymer 1,2-DISTEAROYL-SN-GLYCERO-3-PHOSPHATE
7 non-polymer 'MYRISTIC ACID'
8 water water
#
_entity_poly.entity_id   1
_entity_poly.type   'polypeptide(L)'
_entity_poly.pdbx_seq_one_letter_code
;DRHHHHHHKLSVPSEDQPGDSYSHGQSCLGCVVLVSVIEQLAEVHNSSVQVAMERLCSYLPEKLFLKTACYFLVQTFGSD
IIKLLDEAMKADVVCYALEFCKRGAVQPQCHLYPLPQEAWESALEKARQVLRRSSTMKYRRSGRNICSLPFLTKICQKIE
LSIKKAVPFKDVDSDKHSVFPTLRGYHWRGRDCNDSDKTVYPGRRPDNWDIHQDSNCNGIWGIDPKDGIPYEKKFCEGSQ
PRGIILLGDAAGAHFHIPPEWLTASQMSVNSFLNLPSALTDELNWPQLSGVTGFLDSTSGIEEKSIYHRLRKRNHCNHRD
YQSISKNGASSRNLKNFIESLSRNQASDHPAIVLYAMIGNDVCNSKADTVPEMTTPEQMYANVMQTLTHLNSHLPNGSHV
ILYGLPDGTFLWDSLHNRYHPLGQLNKDVTYAQFFSFLRCLQLNPCNGWMSSNKTLRTLTSERAEQLSNTLKKIATTETF
ANFDLFYVDFAFHEIIEDWQKRGGQPWQLIEPVDGFHPNEVASLLQANRVWEKIQLQWPHVLGKENPFNSQIEEVFGDQG
GH
;
_entity_poly.pdbx_strand_id   A
#
loop_
_chem_comp.id
_chem_comp.type
_chem_comp.name
_chem_comp.formula
CA non-polymer 'CALCIUM ION' 'Ca 2'
GOL non-polymer GLYCEROL 'C3 H8 O3'
MYR non-polymer 'MYRISTIC ACID' 'C14 H28 O2'
NAG D-saccharide, beta linking 2-acetamido-2-deoxy-beta-D-glucopyranose 'C8 H15 N O6'
PX8 non-polymer 1,2-DISTEAROYL-SN-GLYCERO-3-PHOSPHATE 'C39 H76 O8 P -1'
#
# COMPACT_ATOMS: atom_id res chain seq x y z
N SER A 23 -7.45 -5.42 -17.94
CA SER A 23 -8.58 -6.33 -17.81
C SER A 23 -8.31 -7.68 -18.49
N HIS A 24 -7.96 -7.67 -19.79
CA HIS A 24 -7.36 -8.88 -20.34
C HIS A 24 -6.10 -9.25 -19.57
N GLY A 25 -5.25 -8.26 -19.27
CA GLY A 25 -4.04 -8.55 -18.52
C GLY A 25 -4.35 -9.17 -17.17
N GLN A 26 -5.30 -8.61 -16.46
CA GLN A 26 -5.63 -9.08 -15.14
C GLN A 26 -6.23 -10.47 -15.17
N SER A 27 -7.07 -10.76 -16.16
CA SER A 27 -7.65 -12.10 -16.25
CA SER A 27 -7.65 -12.10 -16.25
C SER A 27 -6.58 -13.12 -16.60
N CYS A 28 -5.68 -12.75 -17.50
CA CYS A 28 -4.58 -13.63 -17.86
C CYS A 28 -3.68 -13.88 -16.65
N LEU A 29 -3.30 -12.82 -15.94
CA LEU A 29 -2.38 -12.99 -14.83
C LEU A 29 -3.02 -13.80 -13.72
N GLY A 30 -4.30 -13.56 -13.45
CA GLY A 30 -5.00 -14.33 -12.45
C GLY A 30 -5.05 -15.82 -12.77
N CYS A 31 -5.33 -16.14 -14.03
CA CYS A 31 -5.34 -17.55 -14.44
C CYS A 31 -3.97 -18.18 -14.26
N VAL A 32 -2.91 -17.49 -14.69
CA VAL A 32 -1.58 -18.07 -14.61
C VAL A 32 -1.18 -18.32 -13.16
N VAL A 33 -1.52 -17.39 -12.27
CA VAL A 33 -1.17 -17.57 -10.87
C VAL A 33 -1.94 -18.74 -10.27
N LEU A 34 -3.25 -18.80 -10.51
CA LEU A 34 -4.06 -19.88 -9.93
C LEU A 34 -3.61 -21.23 -10.43
N VAL A 35 -3.40 -21.37 -11.73
CA VAL A 35 -2.98 -22.66 -12.28
C VAL A 35 -1.60 -23.03 -11.75
N SER A 36 -0.71 -22.05 -11.64
CA SER A 36 0.62 -22.32 -11.07
C SER A 36 0.52 -22.86 -9.66
N VAL A 37 -0.31 -22.23 -8.81
CA VAL A 37 -0.46 -22.69 -7.44
C VAL A 37 -1.04 -24.10 -7.43
N ILE A 38 -2.04 -24.37 -8.27
CA ILE A 38 -2.63 -25.71 -8.33
C ILE A 38 -1.56 -26.74 -8.68
N GLU A 39 -0.78 -26.47 -9.73
CA GLU A 39 0.24 -27.41 -10.16
C GLU A 39 1.27 -27.64 -9.07
N GLN A 40 1.70 -26.58 -8.39
CA GLN A 40 2.71 -26.72 -7.34
C GLN A 40 2.16 -27.42 -6.11
N LEU A 41 0.88 -27.22 -5.78
CA LEU A 41 0.30 -27.97 -4.66
C LEU A 41 0.25 -29.47 -4.97
N ALA A 42 -0.08 -29.82 -6.21
CA ALA A 42 0.00 -31.23 -6.62
C ALA A 42 1.42 -31.77 -6.47
N GLU A 43 2.44 -31.00 -6.85
CA GLU A 43 3.82 -31.43 -6.68
C GLU A 43 4.19 -31.55 -5.21
N VAL A 44 3.89 -30.52 -4.40
CA VAL A 44 4.27 -30.53 -2.99
C VAL A 44 3.68 -31.73 -2.25
N HIS A 45 2.42 -32.05 -2.51
CA HIS A 45 1.75 -33.13 -1.80
C HIS A 45 1.81 -34.46 -2.54
N ASN A 46 2.48 -34.49 -3.68
CA ASN A 46 2.53 -35.67 -4.55
C ASN A 46 1.13 -36.23 -4.77
N SER A 47 0.22 -35.33 -5.16
CA SER A 47 -1.17 -35.69 -5.41
C SER A 47 -1.53 -35.47 -6.87
N SER A 48 -2.72 -35.96 -7.21
CA SER A 48 -3.39 -35.58 -8.45
C SER A 48 -3.78 -34.11 -8.44
N VAL A 49 -4.10 -33.61 -9.63
CA VAL A 49 -4.54 -32.23 -9.78
C VAL A 49 -5.93 -32.05 -9.16
N GLN A 50 -6.81 -33.03 -9.31
CA GLN A 50 -8.10 -32.97 -8.64
C GLN A 50 -7.93 -32.76 -7.15
N VAL A 51 -7.08 -33.57 -6.51
CA VAL A 51 -6.84 -33.43 -5.07
C VAL A 51 -6.27 -32.05 -4.74
N ALA A 52 -5.30 -31.58 -5.54
CA ALA A 52 -4.70 -30.25 -5.31
C ALA A 52 -5.75 -29.13 -5.38
N MET A 53 -6.70 -29.23 -6.31
CA MET A 53 -7.71 -28.18 -6.42
C MET A 53 -8.65 -28.19 -5.22
N GLU A 54 -9.08 -29.38 -4.80
CA GLU A 54 -9.90 -29.51 -3.58
C GLU A 54 -9.17 -28.91 -2.38
N ARG A 55 -7.88 -29.22 -2.28
CA ARG A 55 -7.07 -28.75 -1.18
C ARG A 55 -6.98 -27.23 -1.18
N LEU A 56 -6.67 -26.61 -2.33
CA LEU A 56 -6.66 -25.15 -2.37
C LEU A 56 -7.97 -24.55 -1.87
N CYS A 57 -9.11 -24.98 -2.43
CA CYS A 57 -10.37 -24.37 -2.05
C CYS A 57 -10.64 -24.59 -0.55
N SER A 58 -10.27 -25.78 -0.03
CA SER A 58 -10.46 -26.10 1.38
C SER A 58 -9.70 -25.13 2.29
N TYR A 59 -8.61 -24.55 1.81
CA TYR A 59 -7.86 -23.64 2.64
C TYR A 59 -8.51 -22.26 2.74
N LEU A 60 -9.39 -21.92 1.84
CA LEU A 60 -9.76 -20.52 1.77
C LEU A 60 -10.81 -20.15 2.81
N PRO A 61 -10.86 -18.88 3.22
CA PRO A 61 -11.93 -18.41 4.10
C PRO A 61 -13.30 -18.50 3.45
N GLU A 62 -14.32 -18.72 4.29
CA GLU A 62 -15.69 -18.64 3.79
C GLU A 62 -16.10 -17.18 3.57
N LYS A 63 -15.51 -16.22 4.29
CA LYS A 63 -15.91 -14.82 4.16
C LYS A 63 -15.67 -14.30 2.75
N LEU A 64 -16.50 -13.33 2.35
CA LEU A 64 -16.46 -12.71 1.01
C LEU A 64 -16.68 -13.71 -0.12
N PHE A 65 -17.30 -14.86 0.16
CA PHE A 65 -17.57 -15.90 -0.84
C PHE A 65 -16.28 -16.47 -1.43
N LEU A 66 -15.14 -16.34 -0.74
CA LEU A 66 -13.88 -16.77 -1.35
C LEU A 66 -13.84 -18.28 -1.59
N LYS A 67 -14.11 -19.08 -0.56
CA LYS A 67 -14.13 -20.53 -0.71
C LYS A 67 -15.16 -20.94 -1.75
N THR A 68 -16.35 -20.37 -1.70
CA THR A 68 -17.40 -20.76 -2.64
C THR A 68 -17.01 -20.43 -4.07
N ALA A 69 -16.39 -19.28 -4.29
CA ALA A 69 -15.93 -18.89 -5.61
C ALA A 69 -14.91 -19.87 -6.15
N CYS A 70 -13.99 -20.30 -5.29
CA CYS A 70 -12.98 -21.29 -5.68
C CYS A 70 -13.63 -22.60 -6.11
N TYR A 71 -14.59 -23.09 -5.33
CA TYR A 71 -15.21 -24.36 -5.72
C TYR A 71 -16.01 -24.21 -7.00
N PHE A 72 -16.56 -23.02 -7.24
CA PHE A 72 -17.25 -22.79 -8.50
C PHE A 72 -16.28 -22.80 -9.68
N LEU A 73 -15.13 -22.15 -9.53
CA LEU A 73 -14.09 -22.21 -10.55
C LEU A 73 -13.65 -23.64 -10.83
N VAL A 74 -13.48 -24.46 -9.78
CA VAL A 74 -13.11 -25.86 -9.96
C VAL A 74 -14.22 -26.62 -10.67
N GLN A 75 -15.47 -26.37 -10.29
CA GLN A 75 -16.60 -26.96 -11.00
C GLN A 75 -16.55 -26.60 -12.48
N THR A 76 -16.26 -25.34 -12.80
CA THR A 76 -16.38 -24.85 -14.17
C THR A 76 -15.20 -25.23 -15.03
N PHE A 77 -13.98 -25.10 -14.51
CA PHE A 77 -12.78 -25.22 -15.32
C PHE A 77 -11.89 -26.39 -14.89
N GLY A 78 -12.25 -27.09 -13.80
CA GLY A 78 -11.35 -28.06 -13.21
C GLY A 78 -11.02 -29.23 -14.12
N SER A 79 -12.03 -29.78 -14.80
CA SER A 79 -11.80 -30.92 -15.67
CA SER A 79 -11.79 -30.92 -15.67
C SER A 79 -10.78 -30.58 -16.76
N ASP A 80 -10.90 -29.39 -17.35
CA ASP A 80 -9.98 -28.97 -18.40
C ASP A 80 -8.56 -28.73 -17.85
N ILE A 81 -8.46 -28.10 -16.68
CA ILE A 81 -7.15 -27.92 -16.04
C ILE A 81 -6.46 -29.27 -15.83
N ILE A 82 -7.22 -30.25 -15.34
CA ILE A 82 -6.68 -31.59 -15.14
C ILE A 82 -6.15 -32.16 -16.44
N LYS A 83 -6.94 -32.04 -17.51
CA LYS A 83 -6.54 -32.60 -18.80
C LYS A 83 -5.27 -31.96 -19.34
N LEU A 84 -5.10 -30.65 -19.12
CA LEU A 84 -3.93 -30.00 -19.69
C LEU A 84 -2.70 -30.17 -18.81
N LEU A 85 -2.87 -30.14 -17.48
CA LEU A 85 -1.71 -30.43 -16.65
C LEU A 85 -1.26 -31.88 -16.82
N ASP A 86 -2.20 -32.80 -17.11
CA ASP A 86 -1.85 -34.18 -17.45
C ASP A 86 -1.04 -34.28 -18.73
N GLU A 87 -1.09 -33.28 -19.60
CA GLU A 87 -0.22 -33.23 -20.77
C GLU A 87 1.02 -32.37 -20.55
N ALA A 88 1.35 -32.10 -19.30
CA ALA A 88 2.60 -31.43 -18.94
C ALA A 88 2.65 -29.99 -19.47
N MET A 89 1.50 -29.34 -19.63
CA MET A 89 1.47 -27.94 -20.03
CA MET A 89 1.49 -27.93 -20.03
C MET A 89 1.67 -27.03 -18.81
N LYS A 90 2.45 -25.98 -18.98
CA LYS A 90 2.63 -25.02 -17.90
C LYS A 90 1.49 -24.03 -17.93
N ALA A 91 1.41 -23.23 -16.86
CA ALA A 91 0.24 -22.40 -16.63
C ALA A 91 0.00 -21.37 -17.73
N ASP A 92 1.06 -20.84 -18.36
CA ASP A 92 0.82 -19.86 -19.42
C ASP A 92 0.11 -20.51 -20.62
N VAL A 93 0.61 -21.64 -21.10
CA VAL A 93 -0.06 -22.37 -22.18
C VAL A 93 -1.49 -22.76 -21.78
N VAL A 94 -1.68 -23.23 -20.55
CA VAL A 94 -3.02 -23.60 -20.10
C VAL A 94 -3.97 -22.41 -20.21
N CYS A 95 -3.52 -21.24 -19.77
CA CYS A 95 -4.40 -20.09 -19.72
C CYS A 95 -4.68 -19.52 -21.10
N TYR A 96 -3.78 -19.69 -22.07
CA TYR A 96 -4.14 -19.37 -23.45
C TYR A 96 -5.12 -20.40 -24.01
N ALA A 97 -4.89 -21.69 -23.72
CA ALA A 97 -5.79 -22.73 -24.22
C ALA A 97 -7.19 -22.51 -23.69
N LEU A 98 -7.30 -22.12 -22.44
CA LEU A 98 -8.57 -21.84 -21.79
C LEU A 98 -9.12 -20.46 -22.12
N GLU A 99 -8.37 -19.63 -22.85
CA GLU A 99 -8.84 -18.34 -23.34
C GLU A 99 -8.93 -17.28 -22.24
N PHE A 100 -8.30 -17.50 -21.09
CA PHE A 100 -8.13 -16.37 -20.16
C PHE A 100 -7.06 -15.41 -20.64
N CYS A 101 -6.10 -15.91 -21.41
CA CYS A 101 -5.13 -15.09 -22.13
C CYS A 101 -5.45 -15.19 -23.61
N LYS A 102 -5.34 -14.07 -24.33
CA LYS A 102 -5.67 -14.04 -25.76
C LYS A 102 -4.68 -13.18 -26.53
N ARG A 103 -4.26 -13.65 -27.70
CA ARG A 103 -3.49 -12.82 -28.61
C ARG A 103 -4.42 -11.83 -29.29
N GLY A 104 -3.94 -10.60 -29.50
CA GLY A 104 -4.66 -9.63 -30.28
C GLY A 104 -3.72 -8.93 -31.25
N ALA A 105 -4.31 -8.12 -32.13
CA ALA A 105 -3.51 -7.39 -33.12
C ALA A 105 -2.42 -6.55 -32.44
N VAL A 106 -2.73 -5.91 -31.31
CA VAL A 106 -1.71 -5.13 -30.62
C VAL A 106 -1.46 -5.75 -29.24
N GLN A 107 -1.54 -7.08 -29.15
CA GLN A 107 -1.32 -7.79 -27.89
C GLN A 107 -0.72 -9.15 -28.24
N PRO A 108 0.60 -9.29 -28.19
CA PRO A 108 1.23 -10.59 -28.47
C PRO A 108 0.90 -11.61 -27.38
N GLN A 109 1.20 -12.86 -27.70
CA GLN A 109 1.12 -13.93 -26.70
C GLN A 109 2.29 -13.78 -25.74
N CYS A 110 2.01 -13.88 -24.44
CA CYS A 110 2.99 -13.61 -23.40
C CYS A 110 3.44 -14.90 -22.74
N HIS A 111 4.73 -15.15 -22.76
CA HIS A 111 5.31 -16.39 -22.23
C HIS A 111 5.90 -16.11 -20.86
N LEU A 112 5.47 -16.87 -19.85
CA LEU A 112 6.14 -16.77 -18.56
C LEU A 112 7.40 -17.65 -18.53
N TYR A 113 7.36 -18.83 -19.20
CA TYR A 113 8.49 -19.75 -19.21
C TYR A 113 9.23 -19.71 -20.54
N PRO A 114 10.55 -19.87 -20.52
CA PRO A 114 11.29 -19.84 -21.79
C PRO A 114 11.02 -21.12 -22.57
N LEU A 115 10.61 -20.94 -23.83
CA LEU A 115 10.34 -22.04 -24.70
C LEU A 115 10.63 -21.54 -26.11
N PRO A 116 11.33 -22.31 -26.94
CA PRO A 116 11.41 -21.94 -28.36
C PRO A 116 10.00 -21.73 -28.91
N GLN A 117 9.90 -20.83 -29.88
CA GLN A 117 8.58 -20.48 -30.42
C GLN A 117 7.87 -21.70 -30.97
N GLU A 118 8.61 -22.53 -31.72
CA GLU A 118 8.03 -23.75 -32.27
C GLU A 118 7.44 -24.60 -31.15
N ALA A 119 8.17 -24.73 -30.04
CA ALA A 119 7.74 -25.60 -28.97
C ALA A 119 6.54 -25.02 -28.23
N TRP A 120 6.48 -23.69 -28.12
CA TRP A 120 5.28 -23.05 -27.56
C TRP A 120 4.08 -23.30 -28.45
N GLU A 121 4.22 -23.07 -29.76
CA GLU A 121 3.10 -23.27 -30.67
C GLU A 121 2.65 -24.72 -30.73
N SER A 122 3.60 -25.67 -30.69
CA SER A 122 3.20 -27.08 -30.67
C SER A 122 2.42 -27.39 -29.41
N ALA A 123 2.88 -26.85 -28.27
CA ALA A 123 2.24 -27.15 -26.99
C ALA A 123 0.86 -26.56 -26.96
N LEU A 124 0.74 -25.30 -27.39
CA LEU A 124 -0.56 -24.65 -27.42
C LEU A 124 -1.51 -25.35 -28.37
N GLU A 125 -1.03 -25.83 -29.53
CA GLU A 125 -1.88 -26.57 -30.44
C GLU A 125 -2.32 -27.91 -29.86
N LYS A 126 -1.42 -28.61 -29.18
CA LYS A 126 -1.83 -29.85 -28.52
C LYS A 126 -2.92 -29.56 -27.50
N ALA A 127 -2.72 -28.50 -26.70
CA ALA A 127 -3.70 -28.12 -25.69
C ALA A 127 -5.06 -27.89 -26.32
N ARG A 128 -5.09 -27.09 -27.38
CA ARG A 128 -6.34 -26.83 -28.06
C ARG A 128 -6.98 -28.11 -28.58
N GLN A 129 -6.17 -29.06 -29.06
CA GLN A 129 -6.69 -30.35 -29.52
C GLN A 129 -7.29 -31.15 -28.37
N VAL A 130 -6.57 -31.21 -27.24
CA VAL A 130 -7.07 -31.94 -26.08
C VAL A 130 -8.44 -31.41 -25.67
N LEU A 131 -8.63 -30.09 -25.67
CA LEU A 131 -9.89 -29.50 -25.24
C LEU A 131 -11.02 -29.75 -26.25
N ARG A 132 -10.69 -29.89 -27.53
CA ARG A 132 -11.76 -30.12 -28.51
C ARG A 132 -12.38 -31.49 -28.36
N ARG A 133 -11.61 -32.49 -27.89
CA ARG A 133 -12.14 -33.85 -27.77
C ARG A 133 -13.43 -33.86 -26.95
N SER A 134 -13.49 -33.07 -25.89
CA SER A 134 -14.73 -32.98 -25.10
C SER A 134 -14.76 -31.73 -24.22
N CYS A 147 -15.84 -12.08 -14.28
CA CYS A 147 -16.60 -11.43 -13.21
C CYS A 147 -18.10 -11.62 -13.38
N SER A 148 -18.53 -12.26 -14.47
CA SER A 148 -19.93 -12.59 -14.64
C SER A 148 -20.31 -13.91 -13.98
N LEU A 149 -19.33 -14.66 -13.49
CA LEU A 149 -19.62 -15.95 -12.90
C LEU A 149 -20.22 -15.80 -11.50
N PRO A 150 -21.09 -16.70 -11.08
CA PRO A 150 -21.64 -16.63 -9.72
C PRO A 150 -20.53 -16.47 -8.69
N PHE A 151 -20.81 -15.67 -7.67
CA PHE A 151 -19.92 -15.47 -6.54
C PHE A 151 -18.72 -14.59 -6.90
N LEU A 152 -18.00 -14.93 -7.97
CA LEU A 152 -16.91 -14.05 -8.40
C LEU A 152 -17.43 -12.67 -8.74
N THR A 153 -18.64 -12.57 -9.28
CA THR A 153 -19.24 -11.27 -9.56
C THR A 153 -19.36 -10.45 -8.29
N LYS A 154 -19.85 -11.08 -7.21
CA LYS A 154 -19.95 -10.40 -5.94
C LYS A 154 -18.57 -9.87 -5.50
N ILE A 155 -17.56 -10.74 -5.57
CA ILE A 155 -16.22 -10.33 -5.17
C ILE A 155 -15.76 -9.15 -6.01
N CYS A 156 -16.00 -9.21 -7.33
CA CYS A 156 -15.55 -8.17 -8.25
C CYS A 156 -16.20 -6.83 -7.92
N GLN A 157 -17.51 -6.86 -7.64
CA GLN A 157 -18.22 -5.63 -7.30
C GLN A 157 -17.65 -5.00 -6.04
N LYS A 158 -17.43 -5.82 -5.00
CA LYS A 158 -16.96 -5.27 -3.73
C LYS A 158 -15.56 -4.67 -3.91
N ILE A 159 -14.72 -5.32 -4.70
CA ILE A 159 -13.37 -4.80 -4.94
C ILE A 159 -13.44 -3.48 -5.69
N GLU A 160 -14.22 -3.43 -6.77
CA GLU A 160 -14.35 -2.17 -7.52
C GLU A 160 -14.80 -1.03 -6.60
N LEU A 161 -15.77 -1.31 -5.74
CA LEU A 161 -16.27 -0.26 -4.86
C LEU A 161 -15.18 0.19 -3.90
N SER A 162 -14.37 -0.76 -3.42
CA SER A 162 -13.28 -0.39 -2.51
C SER A 162 -12.28 0.51 -3.23
N ILE A 163 -12.02 0.24 -4.51
CA ILE A 163 -11.07 1.09 -5.24
C ILE A 163 -11.65 2.48 -5.42
N LYS A 164 -12.93 2.56 -5.76
CA LYS A 164 -13.54 3.84 -6.09
C LYS A 164 -13.61 4.76 -4.89
N LYS A 165 -13.83 4.22 -3.68
CA LYS A 165 -14.16 5.04 -2.53
C LYS A 165 -12.92 5.36 -1.71
N ALA A 166 -12.85 6.60 -1.22
CA ALA A 166 -11.73 7.00 -0.36
C ALA A 166 -12.22 7.39 1.03
N VAL A 167 -13.48 7.12 1.34
CA VAL A 167 -14.03 7.40 2.66
C VAL A 167 -14.69 6.13 3.17
N PRO A 168 -14.81 5.98 4.49
CA PRO A 168 -15.30 4.71 5.02
C PRO A 168 -16.74 4.48 4.65
N PHE A 169 -17.01 3.22 4.31
CA PHE A 169 -18.35 2.76 4.02
C PHE A 169 -19.22 2.77 5.27
N LYS A 170 -18.68 2.33 6.40
CA LYS A 170 -19.38 2.36 7.69
C LYS A 170 -19.02 3.66 8.40
N ASP A 171 -19.97 4.58 8.50
CA ASP A 171 -19.70 5.90 9.03
C ASP A 171 -21.03 6.62 9.21
N VAL A 172 -21.71 6.29 10.31
CA VAL A 172 -23.10 6.70 10.46
C VAL A 172 -23.23 8.22 10.47
N ASP A 173 -22.28 8.93 11.11
CA ASP A 173 -22.37 10.37 11.24
C ASP A 173 -21.59 11.13 10.17
N SER A 174 -20.99 10.42 9.21
CA SER A 174 -20.38 11.02 8.04
C SER A 174 -19.20 11.93 8.35
N ASP A 175 -18.45 11.67 9.42
CA ASP A 175 -17.28 12.49 9.70
C ASP A 175 -15.99 11.86 9.19
N LYS A 176 -16.08 10.79 8.40
CA LYS A 176 -14.99 10.10 7.74
C LYS A 176 -14.15 9.26 8.69
N HIS A 177 -14.57 9.10 9.95
CA HIS A 177 -13.93 8.15 10.87
C HIS A 177 -14.92 7.03 11.21
N SER A 178 -14.41 5.82 11.32
CA SER A 178 -15.23 4.60 11.40
C SER A 178 -14.98 3.85 12.70
N VAL A 179 -15.93 2.97 13.04
CA VAL A 179 -15.70 1.99 14.08
C VAL A 179 -15.32 0.63 13.52
N PHE A 180 -15.26 0.49 12.21
CA PHE A 180 -14.84 -0.74 11.55
C PHE A 180 -13.46 -0.54 10.93
N PRO A 181 -12.63 -1.60 10.80
CA PRO A 181 -11.20 -1.42 10.42
C PRO A 181 -10.98 -1.18 8.93
N THR A 182 -11.68 -1.96 8.07
CA THR A 182 -11.34 -1.96 6.66
C THR A 182 -12.36 -1.12 5.92
N LEU A 183 -12.37 -1.24 4.58
CA LEU A 183 -13.21 -0.38 3.73
C LEU A 183 -13.06 1.09 4.15
N ARG A 184 -11.80 1.53 4.21
CA ARG A 184 -11.40 2.91 4.50
C ARG A 184 -11.75 3.35 5.91
N GLY A 185 -11.92 2.39 6.84
CA GLY A 185 -12.17 2.60 8.26
C GLY A 185 -10.91 2.80 9.07
N TYR A 186 -10.85 2.31 10.30
CA TYR A 186 -9.83 2.80 11.23
C TYR A 186 -8.44 2.22 10.99
N HIS A 187 -8.28 1.29 10.04
CA HIS A 187 -6.95 1.01 9.55
C HIS A 187 -6.34 2.24 8.89
N TRP A 188 -7.18 3.16 8.39
CA TRP A 188 -6.77 4.30 7.59
C TRP A 188 -6.71 5.59 8.37
N ARG A 189 -7.57 5.76 9.37
CA ARG A 189 -7.65 6.97 10.18
C ARG A 189 -8.09 6.59 11.57
N GLY A 190 -7.81 7.47 12.55
CA GLY A 190 -8.22 7.19 13.92
C GLY A 190 -9.65 6.74 14.06
N ARG A 191 -9.86 5.71 14.87
CA ARG A 191 -11.18 5.21 15.13
C ARG A 191 -12.08 6.27 15.75
N ASP A 192 -13.32 6.31 15.29
CA ASP A 192 -14.36 7.19 15.82
C ASP A 192 -14.82 6.69 17.18
N CYS A 193 -14.64 7.51 18.20
CA CYS A 193 -15.13 7.17 19.55
C CYS A 193 -16.63 7.39 19.69
N ASN A 194 -17.26 8.17 18.81
CA ASN A 194 -18.71 8.31 18.82
C ASN A 194 -19.19 8.50 17.38
N ASP A 195 -19.64 7.42 16.77
CA ASP A 195 -20.09 7.44 15.39
C ASP A 195 -21.52 7.97 15.24
N SER A 196 -22.15 8.45 16.33
CA SER A 196 -23.41 9.18 16.31
C SER A 196 -23.24 10.69 16.54
N ASP A 197 -22.04 11.23 16.36
CA ASP A 197 -21.82 12.65 16.60
C ASP A 197 -20.71 13.11 15.68
N LYS A 198 -21.08 13.88 14.65
CA LYS A 198 -20.14 14.32 13.65
C LYS A 198 -19.17 15.37 14.17
N THR A 199 -19.34 15.86 15.41
CA THR A 199 -18.39 16.79 16.00
C THR A 199 -17.44 16.09 16.98
N VAL A 200 -17.50 14.77 17.07
CA VAL A 200 -16.61 13.95 17.89
C VAL A 200 -15.79 13.09 16.92
N TYR A 201 -14.48 13.31 16.86
CA TYR A 201 -13.58 12.56 16.00
C TYR A 201 -12.14 12.96 16.34
N PRO A 202 -11.16 12.14 15.96
CA PRO A 202 -9.75 12.47 16.23
C PRO A 202 -9.29 13.72 15.49
N GLY A 203 -8.52 14.54 16.19
CA GLY A 203 -7.94 15.73 15.62
C GLY A 203 -8.71 17.00 15.93
N ARG A 204 -9.89 16.88 16.55
CA ARG A 204 -10.72 18.03 16.89
C ARG A 204 -10.11 18.75 18.08
N ARG A 205 -10.17 20.09 18.09
CA ARG A 205 -9.87 20.80 19.34
C ARG A 205 -10.93 20.42 20.36
N PRO A 206 -10.56 20.17 21.61
CA PRO A 206 -11.55 19.65 22.57
C PRO A 206 -12.71 20.62 22.81
N ASP A 207 -13.89 20.05 23.04
CA ASP A 207 -15.10 20.80 23.34
C ASP A 207 -15.06 21.17 24.83
N ASN A 208 -14.73 22.42 25.12
CA ASN A 208 -14.60 22.93 26.48
C ASN A 208 -13.89 21.91 27.39
N TRP A 209 -12.70 21.52 26.96
CA TRP A 209 -11.75 20.71 27.73
C TRP A 209 -12.29 19.33 28.09
N ASP A 210 -13.31 18.85 27.37
CA ASP A 210 -13.77 17.45 27.43
C ASP A 210 -14.22 17.05 28.85
N ILE A 211 -14.97 17.93 29.50
CA ILE A 211 -15.37 17.66 30.88
C ILE A 211 -16.30 16.45 30.97
N HIS A 212 -17.25 16.33 30.04
CA HIS A 212 -18.23 15.25 30.09
C HIS A 212 -18.11 14.22 28.98
N GLN A 213 -17.42 14.53 27.88
CA GLN A 213 -17.26 13.60 26.78
C GLN A 213 -15.86 13.78 26.21
N ASP A 214 -15.29 12.68 25.75
CA ASP A 214 -14.00 12.72 25.06
C ASP A 214 -14.25 13.10 23.60
N SER A 215 -14.33 14.40 23.36
CA SER A 215 -14.76 14.90 22.06
C SER A 215 -13.72 14.71 20.97
N ASN A 216 -12.46 14.52 21.31
CA ASN A 216 -11.44 14.37 20.27
C ASN A 216 -10.79 12.99 20.30
N CYS A 217 -11.43 12.02 20.96
CA CYS A 217 -11.10 10.60 20.85
C CYS A 217 -9.66 10.30 21.29
N ASN A 218 -9.01 11.20 22.03
CA ASN A 218 -7.65 10.89 22.49
C ASN A 218 -7.65 10.17 23.84
N GLY A 219 -8.81 9.73 24.29
CA GLY A 219 -8.96 9.01 25.54
C GLY A 219 -8.88 9.87 26.79
N ILE A 220 -8.61 11.17 26.66
CA ILE A 220 -8.44 12.06 27.80
C ILE A 220 -9.72 12.85 27.99
N TRP A 221 -10.31 12.79 29.17
CA TRP A 221 -11.55 13.49 29.45
C TRP A 221 -11.77 13.47 30.96
N GLY A 222 -12.72 14.25 31.42
CA GLY A 222 -13.11 14.25 32.80
C GLY A 222 -12.37 15.28 33.62
N ILE A 223 -12.63 15.23 34.94
CA ILE A 223 -12.10 16.18 35.91
C ILE A 223 -11.20 15.47 36.90
N ASP A 224 -10.08 16.09 37.25
CA ASP A 224 -9.21 15.57 38.31
C ASP A 224 -9.85 15.86 39.67
N PRO A 225 -10.24 14.84 40.44
CA PRO A 225 -10.92 15.13 41.73
C PRO A 225 -10.03 15.82 42.75
N LYS A 226 -8.71 15.82 42.58
CA LYS A 226 -7.85 16.49 43.53
C LYS A 226 -8.03 18.00 43.49
N ASP A 227 -8.12 18.58 42.29
CA ASP A 227 -8.19 20.03 42.16
C ASP A 227 -9.31 20.55 41.27
N GLY A 228 -10.18 19.68 40.76
CA GLY A 228 -11.28 20.12 39.92
C GLY A 228 -10.91 20.57 38.52
N ILE A 229 -9.67 20.33 38.08
CA ILE A 229 -9.22 20.82 36.78
C ILE A 229 -9.50 19.75 35.73
N PRO A 230 -10.04 20.11 34.55
CA PRO A 230 -10.21 19.10 33.49
C PRO A 230 -8.87 18.51 33.10
N TYR A 231 -8.83 17.18 32.96
CA TYR A 231 -7.59 16.49 32.59
C TYR A 231 -7.07 16.95 31.23
N GLU A 232 -7.95 17.18 30.28
CA GLU A 232 -7.52 17.66 28.96
C GLU A 232 -6.88 19.03 29.05
N LYS A 233 -7.32 19.87 29.97
CA LYS A 233 -6.68 21.17 30.14
C LYS A 233 -5.30 21.02 30.77
N LYS A 234 -5.20 20.33 31.91
CA LYS A 234 -3.91 20.30 32.58
C LYS A 234 -2.90 19.46 31.80
N PHE A 235 -3.36 18.38 31.17
CA PHE A 235 -2.43 17.49 30.45
C PHE A 235 -2.13 17.93 29.02
N CYS A 236 -3.02 18.72 28.39
CA CYS A 236 -2.84 19.01 26.97
C CYS A 236 -2.79 20.49 26.64
N GLU A 237 -3.30 21.37 27.48
CA GLU A 237 -3.21 22.80 27.16
C GLU A 237 -1.75 23.17 26.90
N GLY A 238 -1.51 23.92 25.83
CA GLY A 238 -0.15 24.34 25.57
C GLY A 238 0.79 23.26 25.06
N SER A 239 0.34 22.01 24.93
CA SER A 239 1.19 20.94 24.38
C SER A 239 1.26 20.98 22.86
N GLN A 240 0.53 21.87 22.22
CA GLN A 240 0.45 22.00 20.77
C GLN A 240 0.27 20.64 20.09
N PRO A 241 -0.88 20.01 20.29
CA PRO A 241 -1.15 18.74 19.59
C PRO A 241 -1.22 18.93 18.08
N ARG A 242 -0.85 17.87 17.35
CA ARG A 242 -0.94 17.89 15.90
C ARG A 242 -1.17 16.48 15.38
N GLY A 243 -1.79 16.40 14.23
CA GLY A 243 -2.03 15.13 13.59
C GLY A 243 -1.00 14.84 12.54
N ILE A 244 -0.96 13.58 12.11
CA ILE A 244 -0.15 13.17 10.98
C ILE A 244 -1.08 12.75 9.86
N ILE A 245 -0.86 13.35 8.68
CA ILE A 245 -1.63 13.08 7.47
C ILE A 245 -0.65 12.71 6.37
N LEU A 246 -0.84 11.54 5.80
CA LEU A 246 -0.09 11.13 4.62
C LEU A 246 -0.94 11.35 3.37
N LEU A 247 -0.34 11.99 2.37
CA LEU A 247 -0.84 12.00 1.00
C LEU A 247 0.05 11.03 0.24
N GLY A 248 -0.48 9.83 0.00
CA GLY A 248 0.34 8.70 -0.38
C GLY A 248 -0.16 7.90 -1.57
N ASP A 249 0.71 7.01 -2.03
CA ASP A 249 0.48 6.06 -3.09
C ASP A 249 0.49 4.64 -2.50
N ALA A 250 0.67 3.62 -3.34
CA ALA A 250 0.61 2.26 -2.84
C ALA A 250 1.73 1.99 -1.82
N ALA A 251 2.91 2.54 -2.07
CA ALA A 251 4.00 2.39 -1.11
C ALA A 251 3.63 3.04 0.21
N GLY A 252 3.02 4.22 0.16
CA GLY A 252 2.68 4.93 1.37
C GLY A 252 1.63 4.22 2.19
N ALA A 253 0.69 3.56 1.53
CA ALA A 253 -0.36 2.76 2.17
C ALA A 253 0.08 1.32 2.44
N HIS A 254 1.35 1.01 2.17
CA HIS A 254 1.97 -0.28 2.41
C HIS A 254 1.21 -1.40 1.70
N PHE A 255 1.12 -1.24 0.38
CA PHE A 255 0.71 -2.34 -0.48
C PHE A 255 1.54 -3.59 -0.23
N HIS A 256 0.88 -4.72 -0.01
CA HIS A 256 1.58 -5.95 0.31
C HIS A 256 0.69 -7.15 0.00
N ILE A 257 1.15 -7.99 -0.94
CA ILE A 257 0.55 -9.30 -1.18
C ILE A 257 1.39 -10.33 -0.41
N PRO A 258 0.84 -10.98 0.61
CA PRO A 258 1.59 -12.03 1.32
C PRO A 258 2.12 -13.09 0.37
N PRO A 259 3.44 -13.34 0.36
CA PRO A 259 3.94 -14.48 -0.44
C PRO A 259 3.41 -15.81 0.04
N GLU A 260 2.93 -15.88 1.28
CA GLU A 260 2.26 -17.08 1.79
C GLU A 260 1.02 -17.46 0.97
N TRP A 261 0.43 -16.53 0.23
CA TRP A 261 -0.74 -16.85 -0.58
C TRP A 261 -0.38 -17.57 -1.86
N LEU A 262 0.90 -17.53 -2.27
CA LEU A 262 1.34 -18.01 -3.56
C LEU A 262 2.38 -19.10 -3.47
N THR A 263 2.74 -19.57 -2.27
CA THR A 263 3.83 -20.51 -2.06
CA THR A 263 3.84 -20.51 -2.07
C THR A 263 3.26 -21.84 -1.56
N ALA A 264 3.06 -22.79 -2.48
CA ALA A 264 2.42 -24.06 -2.16
C ALA A 264 3.18 -24.83 -1.08
N SER A 265 4.50 -24.67 -1.02
CA SER A 265 5.30 -25.45 -0.11
C SER A 265 4.94 -25.21 1.36
N GLN A 266 4.40 -24.05 1.68
CA GLN A 266 4.06 -23.72 3.06
C GLN A 266 2.57 -23.43 3.24
N MET A 267 1.74 -23.75 2.27
CA MET A 267 0.36 -23.29 2.25
C MET A 267 -0.55 -24.12 3.15
N SER A 268 -1.45 -23.44 3.84
CA SER A 268 -2.47 -24.08 4.68
C SER A 268 -3.62 -23.09 4.92
N VAL A 269 -4.62 -23.53 5.72
CA VAL A 269 -5.70 -22.67 6.17
C VAL A 269 -5.16 -21.36 6.73
N ASN A 270 -4.10 -21.44 7.52
CA ASN A 270 -3.61 -20.27 8.19
C ASN A 270 -2.98 -19.28 7.22
N SER A 271 -2.59 -19.72 6.01
CA SER A 271 -2.04 -18.80 5.03
C SER A 271 -3.03 -17.74 4.60
N PHE A 272 -4.33 -18.02 4.66
CA PHE A 272 -5.29 -17.13 4.02
C PHE A 272 -6.21 -16.41 5.01
N LEU A 273 -5.93 -16.49 6.30
CA LEU A 273 -6.80 -15.87 7.30
C LEU A 273 -6.91 -14.37 7.08
N ASN A 274 -5.85 -13.73 6.57
CA ASN A 274 -5.84 -12.30 6.34
C ASN A 274 -6.34 -11.92 4.98
N LEU A 275 -6.78 -12.88 4.18
CA LEU A 275 -7.18 -12.55 2.81
C LEU A 275 -8.43 -11.66 2.79
N PRO A 276 -9.50 -11.94 3.56
CA PRO A 276 -10.68 -11.07 3.49
C PRO A 276 -10.39 -9.65 3.92
N SER A 277 -9.64 -9.46 5.00
CA SER A 277 -9.32 -8.10 5.43
CA SER A 277 -9.32 -8.10 5.43
CA SER A 277 -9.30 -8.11 5.43
C SER A 277 -8.42 -7.42 4.41
N ALA A 278 -7.40 -8.12 3.91
CA ALA A 278 -6.51 -7.48 2.95
C ALA A 278 -7.28 -7.06 1.70
N LEU A 279 -8.19 -7.89 1.21
CA LEU A 279 -8.96 -7.51 0.02
C LEU A 279 -9.79 -6.27 0.29
N THR A 280 -10.44 -6.19 1.45
CA THR A 280 -11.29 -5.03 1.73
C THR A 280 -10.48 -3.78 2.08
N ASP A 281 -9.16 -3.92 2.25
CA ASP A 281 -8.23 -2.81 2.36
C ASP A 281 -7.44 -2.58 1.06
N GLU A 282 -7.93 -3.06 -0.10
CA GLU A 282 -7.31 -2.78 -1.40
C GLU A 282 -5.86 -3.28 -1.48
N LEU A 283 -5.57 -4.33 -0.70
CA LEU A 283 -4.27 -4.97 -0.55
C LEU A 283 -3.25 -4.02 0.11
N ASN A 284 -3.74 -2.94 0.70
CA ASN A 284 -2.92 -2.06 1.51
C ASN A 284 -3.01 -2.43 2.99
N TRP A 285 -1.98 -2.01 3.72
CA TRP A 285 -1.85 -2.26 5.16
C TRP A 285 -1.40 -0.99 5.87
N PRO A 286 -2.19 0.09 5.76
CA PRO A 286 -1.78 1.38 6.35
C PRO A 286 -1.53 1.29 7.84
N GLN A 287 -2.25 0.39 8.53
CA GLN A 287 -2.11 0.18 9.95
C GLN A 287 -0.74 -0.33 10.34
N LEU A 288 0.06 -0.78 9.37
CA LEU A 288 1.45 -1.21 9.55
C LEU A 288 2.45 -0.35 8.78
N SER A 289 2.02 0.80 8.23
CA SER A 289 2.87 1.56 7.35
C SER A 289 3.91 2.36 8.13
N GLY A 290 4.96 2.78 7.42
CA GLY A 290 5.98 3.61 8.05
C GLY A 290 5.49 4.96 8.57
N VAL A 291 4.49 5.56 7.93
CA VAL A 291 4.02 6.89 8.37
C VAL A 291 2.85 6.79 9.35
N THR A 292 1.80 6.02 9.04
CA THR A 292 0.54 6.02 9.79
C THR A 292 0.31 4.69 10.54
N GLY A 293 1.30 3.83 10.60
CA GLY A 293 1.15 2.55 11.30
C GLY A 293 0.87 2.69 12.79
N PHE A 294 -0.06 1.88 13.31
CA PHE A 294 -0.33 1.91 14.75
C PHE A 294 -0.32 0.53 15.39
N LEU A 295 -0.25 -0.53 14.61
CA LEU A 295 -0.07 -1.87 15.14
C LEU A 295 1.42 -2.16 15.38
N ASP A 296 1.70 -3.13 16.25
CA ASP A 296 3.07 -3.58 16.44
C ASP A 296 3.60 -4.20 15.16
N SER A 297 4.83 -3.84 14.79
CA SER A 297 5.38 -4.27 13.52
C SER A 297 5.59 -5.77 13.46
N THR A 298 5.51 -6.30 12.24
CA THR A 298 5.69 -7.72 12.01
C THR A 298 7.13 -8.15 12.31
N SER A 299 8.09 -7.37 11.83
CA SER A 299 9.51 -7.65 12.03
C SER A 299 9.97 -7.40 13.45
N GLY A 300 9.20 -6.65 14.23
CA GLY A 300 9.57 -6.33 15.58
C GLY A 300 10.81 -5.47 15.72
N ILE A 301 11.24 -4.77 14.67
CA ILE A 301 12.49 -4.02 14.76
C ILE A 301 12.22 -2.80 15.63
N GLU A 302 13.28 -2.15 16.09
CA GLU A 302 13.09 -1.01 16.97
C GLU A 302 12.27 0.07 16.29
N GLU A 303 12.46 0.27 14.99
CA GLU A 303 11.92 1.43 14.29
C GLU A 303 10.40 1.44 14.31
N LYS A 304 9.83 2.56 14.75
CA LYS A 304 8.37 2.76 14.82
C LYS A 304 7.92 3.78 13.78
N SER A 305 6.61 3.77 13.49
CA SER A 305 6.02 4.68 12.52
C SER A 305 6.11 6.13 13.00
N ILE A 306 5.95 7.06 12.05
CA ILE A 306 5.88 8.46 12.41
CA ILE A 306 5.87 8.47 12.39
C ILE A 306 4.73 8.71 13.37
N TYR A 307 3.56 8.11 13.13
CA TYR A 307 2.45 8.29 14.06
C TYR A 307 2.82 7.83 15.46
N HIS A 308 3.44 6.65 15.55
CA HIS A 308 3.82 6.10 16.85
CA HIS A 308 3.80 6.11 16.86
C HIS A 308 4.78 7.03 17.58
N ARG A 309 5.74 7.60 16.85
CA ARG A 309 6.69 8.52 17.46
CA ARG A 309 6.69 8.51 17.47
C ARG A 309 6.03 9.82 17.87
N LEU A 310 5.09 10.33 17.07
CA LEU A 310 4.37 11.56 17.45
C LEU A 310 3.50 11.35 18.69
N ARG A 311 2.82 10.19 18.75
CA ARG A 311 2.04 9.85 19.92
C ARG A 311 2.93 9.68 21.15
N LYS A 312 4.08 9.03 20.97
CA LYS A 312 5.02 8.89 22.08
C LYS A 312 5.49 10.26 22.57
N ARG A 313 5.72 11.19 21.65
CA ARG A 313 6.20 12.52 22.01
C ARG A 313 5.14 13.29 22.78
N ASN A 314 3.88 13.15 22.38
CA ASN A 314 2.77 13.85 23.03
C ASN A 314 1.55 12.95 22.96
N HIS A 315 1.26 12.28 24.10
CA HIS A 315 0.15 11.34 24.11
C HIS A 315 -1.19 12.00 23.81
N CYS A 316 -1.26 13.33 23.83
CA CYS A 316 -2.50 13.97 23.44
C CYS A 316 -2.85 13.69 21.99
N ASN A 317 -1.88 13.25 21.19
CA ASN A 317 -2.08 12.97 19.77
C ASN A 317 -2.62 11.57 19.47
N HIS A 318 -2.97 10.80 20.49
CA HIS A 318 -3.52 9.47 20.31
C HIS A 318 -4.71 9.49 19.34
N ARG A 319 -4.64 8.60 18.34
CA ARG A 319 -5.58 8.36 17.23
C ARG A 319 -5.57 9.43 16.14
N ASP A 320 -4.69 10.44 16.20
CA ASP A 320 -4.76 11.50 15.19
C ASP A 320 -3.81 11.19 14.04
N TYR A 321 -4.19 10.15 13.27
CA TYR A 321 -3.55 9.79 12.02
C TYR A 321 -4.60 9.68 10.92
N GLN A 322 -4.18 9.92 9.67
CA GLN A 322 -5.00 9.69 8.48
C GLN A 322 -4.07 9.37 7.31
N SER A 323 -4.30 8.25 6.67
CA SER A 323 -3.65 7.89 5.42
C SER A 323 -4.57 8.21 4.26
N ILE A 324 -4.30 9.32 3.62
CA ILE A 324 -5.01 9.78 2.44
C ILE A 324 -4.18 9.30 1.27
N SER A 325 -4.30 8.01 0.97
CA SER A 325 -3.42 7.32 0.06
C SER A 325 -4.22 6.38 -0.83
N LYS A 326 -3.81 6.28 -2.08
CA LYS A 326 -4.47 5.39 -3.02
C LYS A 326 -3.45 4.73 -3.93
N ASN A 327 -3.65 3.44 -4.18
CA ASN A 327 -2.92 2.76 -5.23
C ASN A 327 -3.01 3.57 -6.52
N GLY A 328 -1.88 3.73 -7.19
CA GLY A 328 -1.78 4.49 -8.43
C GLY A 328 -1.69 6.01 -8.29
N ALA A 329 -1.72 6.55 -7.07
CA ALA A 329 -1.68 8.00 -6.92
C ALA A 329 -0.38 8.57 -7.47
N SER A 330 -0.48 9.75 -8.08
CA SER A 330 0.63 10.56 -8.57
C SER A 330 0.27 12.04 -8.40
N SER A 331 1.22 12.94 -8.72
CA SER A 331 0.92 14.37 -8.68
C SER A 331 -0.26 14.71 -9.61
N ARG A 332 -0.46 13.89 -10.64
CA ARG A 332 -1.47 14.18 -11.65
C ARG A 332 -2.88 13.85 -11.20
N ASN A 333 -3.06 12.87 -10.33
CA ASN A 333 -4.41 12.42 -10.00
C ASN A 333 -4.72 12.52 -8.50
N LEU A 334 -3.81 13.06 -7.69
CA LEU A 334 -4.08 13.26 -6.28
C LEU A 334 -5.32 14.13 -6.08
N LYS A 335 -5.53 15.08 -6.98
CA LYS A 335 -6.69 15.97 -6.94
C LYS A 335 -8.00 15.19 -6.95
N ASN A 336 -7.99 13.97 -7.49
CA ASN A 336 -9.21 13.17 -7.59
C ASN A 336 -9.63 12.55 -6.27
N PHE A 337 -8.76 12.51 -5.25
CA PHE A 337 -9.18 11.99 -3.95
C PHE A 337 -8.73 12.81 -2.74
N ILE A 338 -8.03 13.92 -2.92
CA ILE A 338 -7.58 14.73 -1.79
C ILE A 338 -8.73 15.32 -0.99
N GLU A 339 -9.91 15.50 -1.59
CA GLU A 339 -11.05 15.99 -0.81
C GLU A 339 -11.45 15.02 0.29
N SER A 340 -11.01 13.76 0.22
CA SER A 340 -11.32 12.83 1.28
C SER A 340 -10.57 13.14 2.57
N LEU A 341 -9.57 14.02 2.53
CA LEU A 341 -8.87 14.48 3.72
C LEU A 341 -9.86 15.15 4.67
N SER A 342 -9.77 14.84 5.96
CA SER A 342 -10.64 15.43 6.97
CA SER A 342 -10.64 15.43 6.96
C SER A 342 -9.81 16.34 7.88
N ARG A 343 -9.97 17.64 7.72
CA ARG A 343 -9.39 18.57 8.67
C ARG A 343 -10.18 19.86 8.51
N ASN A 344 -10.94 20.19 9.53
CA ASN A 344 -11.71 21.43 9.60
C ASN A 344 -10.80 22.57 10.05
N GLN A 345 -10.63 23.57 9.18
CA GLN A 345 -9.71 24.67 9.44
C GLN A 345 -10.05 25.40 10.73
N ALA A 346 -11.34 25.53 11.05
CA ALA A 346 -11.77 26.29 12.22
C ALA A 346 -11.83 25.46 13.49
N SER A 347 -12.05 24.16 13.42
CA SER A 347 -12.33 23.38 14.62
CA SER A 347 -12.33 23.38 14.62
C SER A 347 -11.26 22.35 14.98
N ASP A 348 -10.29 22.10 14.10
CA ASP A 348 -9.32 21.03 14.32
C ASP A 348 -7.93 21.57 14.65
N HIS A 349 -7.16 20.70 15.26
CA HIS A 349 -5.76 20.99 15.48
C HIS A 349 -5.01 20.98 14.15
N PRO A 350 -3.85 21.61 14.11
CA PRO A 350 -3.00 21.52 12.92
C PRO A 350 -2.47 20.12 12.71
N ALA A 351 -1.83 19.96 11.56
CA ALA A 351 -1.34 18.66 11.12
C ALA A 351 0.01 18.81 10.45
N ILE A 352 0.82 17.77 10.59
CA ILE A 352 1.94 17.53 9.72
C ILE A 352 1.43 16.74 8.53
N VAL A 353 1.66 17.27 7.33
CA VAL A 353 1.17 16.65 6.12
C VAL A 353 2.37 16.25 5.28
N LEU A 354 2.48 14.96 4.98
CA LEU A 354 3.57 14.45 4.15
C LEU A 354 3.06 14.21 2.74
N TYR A 355 3.64 14.92 1.78
CA TYR A 355 3.28 14.76 0.37
C TYR A 355 4.25 13.74 -0.20
N ALA A 356 3.76 12.52 -0.44
CA ALA A 356 4.63 11.41 -0.72
C ALA A 356 4.18 10.73 -2.00
N MET A 357 4.22 11.47 -3.11
CA MET A 357 4.00 10.86 -4.42
C MET A 357 5.36 10.36 -4.90
N ILE A 358 5.73 9.15 -4.44
CA ILE A 358 7.13 8.75 -4.50
C ILE A 358 7.43 7.83 -5.67
N GLY A 359 6.60 7.82 -6.70
CA GLY A 359 7.09 7.16 -7.90
C GLY A 359 6.19 7.11 -9.13
N ASN A 360 4.88 7.24 -8.98
CA ASN A 360 4.01 7.06 -10.14
C ASN A 360 4.10 8.19 -11.16
N ASP A 361 4.78 9.29 -10.83
CA ASP A 361 5.10 10.28 -11.84
C ASP A 361 6.19 9.81 -12.81
N VAL A 362 6.93 8.75 -12.49
CA VAL A 362 7.84 8.14 -13.46
C VAL A 362 7.50 6.70 -13.76
N CYS A 363 6.79 6.02 -12.86
CA CYS A 363 6.48 4.60 -12.99
C CYS A 363 5.13 4.43 -13.69
N ASN A 364 5.11 3.81 -14.86
CA ASN A 364 3.86 3.58 -15.55
C ASN A 364 3.99 2.31 -16.37
N SER A 365 2.86 1.90 -16.94
CA SER A 365 2.77 0.65 -17.69
C SER A 365 2.71 0.83 -19.20
N LYS A 366 3.00 2.02 -19.69
CA LYS A 366 2.97 2.27 -21.14
C LYS A 366 4.24 1.75 -21.79
N ALA A 367 4.09 0.99 -22.89
CA ALA A 367 5.26 0.43 -23.57
C ALA A 367 6.29 1.51 -23.90
N ASP A 368 5.83 2.64 -24.45
CA ASP A 368 6.69 3.80 -24.67
C ASP A 368 6.62 4.63 -23.39
N THR A 369 7.46 4.29 -22.41
CA THR A 369 7.15 4.71 -21.04
C THR A 369 7.62 6.15 -20.76
N VAL A 370 8.72 6.61 -21.36
CA VAL A 370 9.24 7.95 -21.02
C VAL A 370 8.23 9.05 -21.37
N PRO A 371 7.61 9.07 -22.55
CA PRO A 371 6.61 10.10 -22.84
C PRO A 371 5.47 10.14 -21.86
N GLU A 372 5.18 9.05 -21.16
CA GLU A 372 4.09 9.05 -20.17
C GLU A 372 4.53 9.67 -18.85
N MET A 373 5.82 9.82 -18.63
CA MET A 373 6.30 10.34 -17.35
C MET A 373 5.98 11.83 -17.23
N THR A 374 5.74 12.26 -16.00
CA THR A 374 5.45 13.64 -15.70
C THR A 374 6.70 14.50 -15.96
N THR A 375 6.50 15.67 -16.57
CA THR A 375 7.58 16.62 -16.79
C THR A 375 7.73 17.54 -15.58
N PRO A 376 8.91 18.14 -15.37
CA PRO A 376 9.05 19.08 -14.25
C PRO A 376 8.02 20.20 -14.27
N GLU A 377 7.68 20.72 -15.45
CA GLU A 377 6.69 21.80 -15.51
C GLU A 377 5.31 21.33 -15.08
N GLN A 378 4.93 20.13 -15.51
CA GLN A 378 3.67 19.56 -15.07
C GLN A 378 3.68 19.31 -13.57
N MET A 379 4.78 18.75 -13.07
CA MET A 379 4.90 18.51 -11.63
C MET A 379 4.77 19.82 -10.84
N TYR A 380 5.40 20.90 -11.32
CA TYR A 380 5.29 22.18 -10.63
C TYR A 380 3.84 22.63 -10.54
N ALA A 381 3.13 22.60 -11.67
CA ALA A 381 1.73 23.01 -11.67
C ALA A 381 0.89 22.14 -10.74
N ASN A 382 1.08 20.81 -10.83
CA ASN A 382 0.26 19.88 -10.05
C ASN A 382 0.48 20.09 -8.56
N VAL A 383 1.74 20.27 -8.13
CA VAL A 383 2.02 20.41 -6.71
C VAL A 383 1.53 21.76 -6.20
N MET A 384 1.67 22.82 -7.02
CA MET A 384 1.18 24.12 -6.61
C MET A 384 -0.33 24.08 -6.43
N GLN A 385 -1.03 23.34 -7.29
CA GLN A 385 -2.47 23.22 -7.12
CA GLN A 385 -2.46 23.21 -7.13
C GLN A 385 -2.80 22.49 -5.83
N THR A 386 -2.08 21.40 -5.52
CA THR A 386 -2.27 20.69 -4.25
C THR A 386 -2.03 21.61 -3.07
N LEU A 387 -0.91 22.35 -3.08
CA LEU A 387 -0.57 23.18 -1.93
C LEU A 387 -1.57 24.30 -1.72
N THR A 388 -2.05 24.91 -2.82
CA THR A 388 -3.09 25.94 -2.73
C THR A 388 -4.37 25.38 -2.13
N HIS A 389 -4.76 24.19 -2.57
CA HIS A 389 -5.88 23.49 -1.97
C HIS A 389 -5.66 23.24 -0.48
N LEU A 390 -4.47 22.73 -0.11
CA LEU A 390 -4.18 22.46 1.29
C LEU A 390 -4.26 23.72 2.14
N ASN A 391 -3.80 24.85 1.60
CA ASN A 391 -3.82 26.06 2.39
C ASN A 391 -5.23 26.48 2.77
N SER A 392 -6.21 26.15 1.95
CA SER A 392 -7.58 26.50 2.31
C SER A 392 -8.29 25.39 3.08
N HIS A 393 -7.63 24.25 3.34
CA HIS A 393 -8.25 23.13 4.04
C HIS A 393 -7.47 22.64 5.25
N LEU A 394 -6.36 23.31 5.64
CA LEU A 394 -5.58 22.98 6.84
C LEU A 394 -5.71 24.09 7.88
N PRO A 395 -5.82 23.73 9.17
CA PRO A 395 -5.74 24.77 10.21
C PRO A 395 -4.39 25.47 10.15
N ASN A 396 -4.39 26.74 10.51
CA ASN A 396 -3.14 27.46 10.64
C ASN A 396 -2.23 26.78 11.67
N GLY A 397 -0.94 26.85 11.41
CA GLY A 397 0.03 26.20 12.26
C GLY A 397 0.41 24.83 11.76
N SER A 398 -0.05 24.46 10.57
CA SER A 398 0.28 23.18 9.97
C SER A 398 1.69 23.21 9.34
N HIS A 399 2.16 22.02 8.92
CA HIS A 399 3.50 21.84 8.38
C HIS A 399 3.37 20.86 7.23
N VAL A 400 3.89 21.21 6.05
CA VAL A 400 3.83 20.32 4.88
C VAL A 400 5.25 19.98 4.46
N ILE A 401 5.52 18.68 4.27
CA ILE A 401 6.83 18.17 3.90
C ILE A 401 6.69 17.43 2.59
N LEU A 402 7.39 17.90 1.55
CA LEU A 402 7.41 17.25 0.25
C LEU A 402 8.53 16.21 0.22
N TYR A 403 8.20 14.94 -0.11
CA TYR A 403 9.18 13.87 -0.29
C TYR A 403 9.70 13.86 -1.72
N GLY A 404 11.02 13.81 -1.86
CA GLY A 404 11.61 13.52 -3.13
C GLY A 404 11.33 12.09 -3.57
N LEU A 405 11.63 11.86 -4.80
CA LEU A 405 11.43 10.54 -5.40
C LEU A 405 12.68 9.67 -5.23
N PRO A 406 12.50 8.38 -5.03
CA PRO A 406 13.64 7.47 -4.92
C PRO A 406 14.35 7.30 -6.25
N ASP A 407 15.58 6.84 -6.15
CA ASP A 407 16.31 6.30 -7.30
C ASP A 407 16.08 4.80 -7.31
N GLY A 408 15.20 4.33 -8.17
CA GLY A 408 14.83 2.94 -8.18
C GLY A 408 15.73 2.01 -8.97
N THR A 409 16.94 2.42 -9.32
CA THR A 409 17.78 1.49 -10.06
C THR A 409 18.16 0.26 -9.24
N PHE A 410 18.11 0.32 -7.91
CA PHE A 410 18.54 -0.87 -7.19
C PHE A 410 17.49 -1.98 -7.18
N LEU A 411 16.28 -1.71 -7.60
CA LEU A 411 15.28 -2.76 -7.71
C LEU A 411 15.71 -3.84 -8.71
N TRP A 412 15.98 -3.46 -9.97
CA TRP A 412 16.44 -4.42 -10.96
C TRP A 412 17.73 -5.08 -10.50
N ASP A 413 18.68 -4.27 -10.04
CA ASP A 413 19.98 -4.78 -9.61
C ASP A 413 19.83 -5.87 -8.54
N SER A 414 18.98 -5.62 -7.54
CA SER A 414 18.83 -6.51 -6.40
C SER A 414 18.10 -7.81 -6.74
N LEU A 415 17.19 -7.78 -7.71
CA LEU A 415 16.22 -8.87 -7.86
C LEU A 415 16.31 -9.66 -9.15
N HIS A 416 16.91 -9.13 -10.20
CA HIS A 416 16.62 -9.65 -11.53
C HIS A 416 17.00 -11.12 -11.66
N ASN A 417 18.03 -11.58 -10.92
CA ASN A 417 18.49 -12.97 -10.97
C ASN A 417 17.89 -13.85 -9.89
N ARG A 418 17.18 -13.29 -8.92
CA ARG A 418 16.57 -14.08 -7.88
C ARG A 418 15.22 -14.64 -8.32
N TYR A 419 14.73 -15.62 -7.56
CA TYR A 419 13.49 -16.29 -7.90
C TYR A 419 12.27 -15.61 -7.29
N HIS A 420 11.28 -15.35 -8.13
CA HIS A 420 9.98 -14.90 -7.67
C HIS A 420 9.31 -15.98 -6.83
N PRO A 421 8.50 -15.62 -5.80
CA PRO A 421 7.73 -16.64 -5.06
C PRO A 421 7.09 -17.73 -5.89
N LEU A 422 6.46 -17.40 -7.02
CA LEU A 422 5.89 -18.42 -7.89
C LEU A 422 6.94 -19.30 -8.55
N GLY A 423 8.19 -18.87 -8.55
CA GLY A 423 9.27 -19.60 -9.16
C GLY A 423 10.20 -20.26 -8.18
N GLN A 424 9.92 -20.23 -6.88
CA GLN A 424 10.86 -20.72 -5.90
C GLN A 424 10.85 -22.24 -5.78
N LEU A 425 9.69 -22.88 -5.90
CA LEU A 425 9.63 -24.33 -5.78
C LEU A 425 10.56 -25.00 -6.80
N ASN A 426 10.43 -24.66 -8.08
CA ASN A 426 11.16 -25.33 -9.15
C ASN A 426 12.29 -24.46 -9.73
N LYS A 427 12.60 -23.32 -9.13
CA LYS A 427 13.64 -22.41 -9.64
C LYS A 427 13.46 -22.11 -11.13
N ASP A 428 12.25 -21.70 -11.50
CA ASP A 428 11.93 -21.52 -12.91
C ASP A 428 11.25 -20.20 -13.24
N VAL A 429 11.18 -19.25 -12.31
CA VAL A 429 10.72 -17.89 -12.62
C VAL A 429 11.61 -16.93 -11.83
N THR A 430 12.51 -16.26 -12.53
CA THR A 430 13.24 -15.15 -11.93
C THR A 430 12.40 -13.89 -11.94
N TYR A 431 12.85 -12.88 -11.21
CA TYR A 431 12.19 -11.59 -11.32
C TYR A 431 12.30 -11.02 -12.73
N ALA A 432 13.45 -11.21 -13.41
CA ALA A 432 13.54 -10.76 -14.81
C ALA A 432 12.41 -11.35 -15.66
N GLN A 433 12.12 -12.66 -15.48
CA GLN A 433 11.09 -13.34 -16.25
C GLN A 433 9.70 -12.84 -15.85
N PHE A 434 9.53 -12.58 -14.57
CA PHE A 434 8.26 -12.07 -14.04
C PHE A 434 7.97 -10.68 -14.59
N PHE A 435 8.96 -9.78 -14.54
CA PHE A 435 8.79 -8.42 -15.07
C PHE A 435 8.57 -8.45 -16.57
N SER A 436 9.25 -9.33 -17.29
CA SER A 436 9.03 -9.40 -18.74
C SER A 436 7.60 -9.83 -19.05
N PHE A 437 7.09 -10.79 -18.29
CA PHE A 437 5.72 -11.26 -18.45
C PHE A 437 4.72 -10.14 -18.17
N LEU A 438 4.89 -9.44 -17.04
CA LEU A 438 4.01 -8.30 -16.73
C LEU A 438 4.05 -7.24 -17.82
N ARG A 439 5.26 -6.89 -18.30
CA ARG A 439 5.40 -5.91 -19.37
C ARG A 439 4.60 -6.32 -20.60
N CYS A 440 4.70 -7.59 -21.00
CA CYS A 440 3.98 -8.07 -22.17
C CYS A 440 2.47 -7.94 -21.96
N LEU A 441 2.00 -8.17 -20.75
CA LEU A 441 0.60 -8.00 -20.40
C LEU A 441 0.21 -6.55 -20.13
N GLN A 442 1.16 -5.62 -20.15
CA GLN A 442 0.90 -4.20 -19.89
CA GLN A 442 0.91 -4.21 -19.89
C GLN A 442 0.48 -3.97 -18.43
N LEU A 443 1.06 -4.75 -17.52
CA LEU A 443 0.76 -4.71 -16.10
C LEU A 443 1.99 -4.44 -15.25
N ASN A 444 3.14 -4.21 -15.87
CA ASN A 444 4.34 -3.95 -15.10
C ASN A 444 4.15 -2.60 -14.40
N PRO A 445 4.29 -2.53 -13.08
CA PRO A 445 3.98 -1.27 -12.39
C PRO A 445 5.00 -0.19 -12.64
N CYS A 446 6.19 -0.50 -13.20
CA CYS A 446 7.20 0.53 -13.48
C CYS A 446 8.05 0.07 -14.66
N ASN A 447 7.57 0.34 -15.88
CA ASN A 447 8.31 -0.07 -17.07
C ASN A 447 9.72 0.54 -17.10
N GLY A 448 9.91 1.72 -16.51
CA GLY A 448 11.19 2.37 -16.59
C GLY A 448 12.27 1.77 -15.73
N TRP A 449 11.92 1.36 -14.51
CA TRP A 449 12.91 0.75 -13.63
C TRP A 449 12.92 -0.78 -13.65
N MET A 450 11.77 -1.43 -13.81
CA MET A 450 11.75 -2.89 -13.79
CA MET A 450 11.73 -2.89 -13.79
C MET A 450 11.88 -3.39 -15.23
N SER A 451 13.08 -3.19 -15.74
CA SER A 451 13.43 -3.34 -17.15
C SER A 451 14.83 -3.86 -17.23
N SER A 452 15.08 -4.74 -18.18
CA SER A 452 16.41 -5.22 -18.49
C SER A 452 17.24 -4.21 -19.26
N ASN A 453 16.64 -3.08 -19.66
CA ASN A 453 17.32 -2.08 -20.50
C ASN A 453 17.96 -1.03 -19.59
N LYS A 454 19.29 -1.12 -19.43
CA LYS A 454 20.00 -0.21 -18.53
C LYS A 454 19.82 1.25 -18.92
N THR A 455 19.85 1.55 -20.22
CA THR A 455 19.65 2.93 -20.64
C THR A 455 18.31 3.47 -20.13
N LEU A 456 17.25 2.68 -20.29
CA LEU A 456 15.94 3.08 -19.80
C LEU A 456 15.93 3.27 -18.29
N ARG A 457 16.55 2.36 -17.55
CA ARG A 457 16.59 2.52 -16.10
C ARG A 457 17.29 3.82 -15.71
N THR A 458 18.38 4.15 -16.41
CA THR A 458 19.09 5.40 -16.18
C THR A 458 18.24 6.63 -16.51
N LEU A 459 17.51 6.60 -17.63
CA LEU A 459 16.65 7.72 -17.99
C LEU A 459 15.58 7.93 -16.93
N THR A 460 15.05 6.83 -16.39
CA THR A 460 13.98 6.91 -15.39
C THR A 460 14.49 7.57 -14.12
N SER A 461 15.70 7.19 -13.70
CA SER A 461 16.31 7.81 -12.53
C SER A 461 16.59 9.30 -12.77
N GLU A 462 16.99 9.67 -13.99
CA GLU A 462 17.24 11.08 -14.32
CA GLU A 462 17.24 11.08 -14.32
C GLU A 462 15.97 11.90 -14.19
N ARG A 463 14.85 11.39 -14.72
CA ARG A 463 13.58 12.07 -14.60
C ARG A 463 13.15 12.20 -13.15
N ALA A 464 13.34 11.13 -12.35
CA ALA A 464 12.97 11.17 -10.95
C ALA A 464 13.77 12.22 -10.21
N GLU A 465 15.05 12.36 -10.54
CA GLU A 465 15.85 13.41 -9.90
C GLU A 465 15.44 14.81 -10.33
N GLN A 466 15.06 15.00 -11.60
CA GLN A 466 14.49 16.30 -12.05
C GLN A 466 13.19 16.65 -11.33
N LEU A 467 12.32 15.67 -11.11
CA LEU A 467 11.08 15.92 -10.37
C LEU A 467 11.36 16.22 -8.91
N SER A 468 12.33 15.53 -8.34
CA SER A 468 12.76 15.81 -6.98
C SER A 468 13.28 17.23 -6.85
N ASN A 469 14.11 17.67 -7.80
CA ASN A 469 14.58 19.05 -7.84
C ASN A 469 13.42 20.04 -7.92
N THR A 470 12.39 19.73 -8.72
CA THR A 470 11.20 20.59 -8.79
C THR A 470 10.55 20.76 -7.41
N LEU A 471 10.36 19.64 -6.70
CA LEU A 471 9.79 19.67 -5.36
C LEU A 471 10.65 20.47 -4.40
N LYS A 472 11.98 20.28 -4.47
CA LYS A 472 12.89 21.03 -3.63
C LYS A 472 12.83 22.52 -3.94
N LYS A 473 12.77 22.89 -5.23
CA LYS A 473 12.62 24.30 -5.59
C LYS A 473 11.33 24.90 -5.01
N ILE A 474 10.20 24.21 -5.17
CA ILE A 474 8.93 24.69 -4.61
C ILE A 474 9.08 24.92 -3.11
N ALA A 475 9.59 23.92 -2.39
CA ALA A 475 9.62 24.01 -0.94
C ALA A 475 10.50 25.15 -0.46
N THR A 476 11.54 25.49 -1.21
CA THR A 476 12.48 26.52 -0.77
C THR A 476 12.14 27.89 -1.34
N THR A 477 11.01 28.03 -2.05
CA THR A 477 10.65 29.30 -2.68
CA THR A 477 10.64 29.28 -2.69
C THR A 477 9.22 29.75 -2.35
N GLU A 478 8.25 28.85 -2.41
CA GLU A 478 6.85 29.21 -2.28
C GLU A 478 6.40 29.21 -0.82
N THR A 479 5.52 30.15 -0.48
CA THR A 479 5.02 30.27 0.88
C THR A 479 3.49 30.35 0.87
N PHE A 480 2.92 29.92 1.99
CA PHE A 480 1.50 29.78 2.16
C PHE A 480 1.12 30.23 3.56
N ALA A 481 -0.11 30.71 3.69
CA ALA A 481 -0.55 31.38 4.91
C ALA A 481 -0.68 30.42 6.08
N ASN A 482 -1.20 29.20 5.86
CA ASN A 482 -1.58 28.30 6.94
C ASN A 482 -0.58 27.20 7.24
N PHE A 483 0.53 27.10 6.50
CA PHE A 483 1.55 26.13 6.85
C PHE A 483 2.91 26.58 6.37
N ASP A 484 3.93 26.11 7.05
CA ASP A 484 5.27 26.20 6.48
C ASP A 484 5.61 24.92 5.71
N LEU A 485 6.57 25.04 4.81
CA LEU A 485 6.80 24.06 3.74
C LEU A 485 8.27 23.66 3.68
N PHE A 486 8.52 22.36 3.48
CA PHE A 486 9.83 21.74 3.62
C PHE A 486 9.95 20.65 2.58
N TYR A 487 11.21 20.29 2.31
CA TYR A 487 11.55 19.18 1.41
C TYR A 487 12.46 18.19 2.13
N VAL A 488 12.20 16.88 1.92
CA VAL A 488 13.11 15.84 2.37
CA VAL A 488 13.12 15.84 2.37
C VAL A 488 13.38 14.90 1.20
N ASP A 489 14.62 14.45 1.09
CA ASP A 489 14.94 13.52 0.02
C ASP A 489 14.56 12.09 0.44
N PHE A 490 14.38 11.23 -0.56
CA PHE A 490 13.98 9.86 -0.23
C PHE A 490 15.17 9.02 0.23
N ALA A 491 16.23 9.02 -0.57
CA ALA A 491 17.55 8.49 -0.22
C ALA A 491 17.49 7.00 0.15
N PHE A 492 17.05 6.20 -0.83
CA PHE A 492 17.07 4.75 -0.65
C PHE A 492 18.47 4.24 -0.36
N HIS A 493 19.51 4.88 -0.91
CA HIS A 493 20.89 4.45 -0.61
C HIS A 493 21.18 4.50 0.89
N GLU A 494 20.63 5.50 1.60
CA GLU A 494 20.79 5.57 3.05
C GLU A 494 20.17 4.35 3.73
N ILE A 495 19.00 3.94 3.26
CA ILE A 495 18.32 2.78 3.80
C ILE A 495 19.14 1.52 3.51
N ILE A 496 19.56 1.36 2.25
CA ILE A 496 20.31 0.16 1.90
C ILE A 496 21.59 0.07 2.73
N GLU A 497 22.25 1.21 2.94
CA GLU A 497 23.45 1.23 3.79
C GLU A 497 23.13 0.91 5.25
N ASP A 498 22.09 1.52 5.83
CA ASP A 498 21.68 1.16 7.19
C ASP A 498 21.51 -0.35 7.28
N TRP A 499 20.80 -0.93 6.30
CA TRP A 499 20.44 -2.34 6.36
C TRP A 499 21.65 -3.23 6.18
N GLN A 500 22.51 -2.92 5.20
CA GLN A 500 23.71 -3.73 4.99
C GLN A 500 24.62 -3.68 6.20
N LYS A 501 24.58 -2.56 6.94
CA LYS A 501 25.41 -2.40 8.12
C LYS A 501 24.95 -3.33 9.22
N ARG A 502 23.64 -3.58 9.30
CA ARG A 502 23.07 -4.50 10.25
C ARG A 502 23.20 -5.97 9.86
N GLY A 503 23.82 -6.28 8.71
CA GLY A 503 23.92 -7.65 8.25
C GLY A 503 22.96 -8.03 7.12
N GLY A 504 22.17 -7.10 6.62
CA GLY A 504 21.13 -7.43 5.66
C GLY A 504 21.60 -7.30 4.23
N GLN A 505 20.73 -7.72 3.31
CA GLN A 505 20.95 -7.61 1.88
C GLN A 505 19.84 -6.76 1.25
N PRO A 506 20.15 -6.01 0.19
CA PRO A 506 19.14 -5.10 -0.41
C PRO A 506 17.87 -5.78 -0.89
N TRP A 507 17.92 -7.01 -1.41
CA TRP A 507 16.68 -7.63 -1.86
C TRP A 507 15.69 -7.85 -0.74
N GLN A 508 16.15 -7.88 0.52
CA GLN A 508 15.25 -8.06 1.66
C GLN A 508 14.46 -6.81 2.00
N LEU A 509 14.63 -5.73 1.24
CA LEU A 509 13.89 -4.50 1.48
C LEU A 509 12.73 -4.31 0.51
N ILE A 510 12.49 -5.27 -0.35
CA ILE A 510 11.52 -5.15 -1.44
C ILE A 510 10.38 -6.17 -1.26
N GLU A 511 9.14 -5.74 -1.54
CA GLU A 511 7.98 -6.65 -1.47
C GLU A 511 8.23 -7.86 -2.34
N PRO A 512 8.20 -9.08 -1.81
CA PRO A 512 8.55 -10.23 -2.66
C PRO A 512 7.58 -10.48 -3.80
N VAL A 513 6.28 -10.23 -3.63
CA VAL A 513 5.36 -10.64 -4.68
C VAL A 513 5.33 -9.62 -5.81
N ASP A 514 5.34 -8.33 -5.52
CA ASP A 514 5.27 -7.37 -6.63
C ASP A 514 6.65 -6.94 -7.12
N GLY A 515 7.71 -7.23 -6.34
CA GLY A 515 9.08 -6.95 -6.74
C GLY A 515 9.37 -5.49 -6.99
N PHE A 516 8.62 -4.61 -6.34
CA PHE A 516 8.65 -3.19 -6.68
C PHE A 516 8.59 -2.27 -5.46
N HIS A 517 7.61 -2.46 -4.60
CA HIS A 517 7.36 -1.53 -3.51
C HIS A 517 8.33 -1.79 -2.33
N PRO A 518 8.71 -0.76 -1.59
CA PRO A 518 9.42 -1.00 -0.33
C PRO A 518 8.52 -1.83 0.58
N ASN A 519 9.11 -2.79 1.31
CA ASN A 519 8.31 -3.58 2.22
C ASN A 519 8.19 -2.90 3.58
N GLU A 520 7.69 -3.63 4.58
CA GLU A 520 7.37 -3.02 5.88
C GLU A 520 8.63 -2.50 6.56
N VAL A 521 9.66 -3.34 6.62
CA VAL A 521 10.98 -2.93 7.11
C VAL A 521 11.49 -1.68 6.40
N ALA A 522 11.51 -1.69 5.07
CA ALA A 522 12.06 -0.55 4.33
C ALA A 522 11.31 0.72 4.67
N SER A 523 9.98 0.62 4.77
CA SER A 523 9.13 1.77 5.04
C SER A 523 9.44 2.34 6.41
N LEU A 524 9.65 1.46 7.40
CA LEU A 524 9.94 1.91 8.75
C LEU A 524 11.33 2.52 8.84
N LEU A 525 12.31 1.95 8.12
CA LEU A 525 13.65 2.54 8.11
C LEU A 525 13.64 3.93 7.48
N GLN A 526 12.87 4.11 6.42
CA GLN A 526 12.82 5.42 5.77
CA GLN A 526 12.80 5.40 5.76
C GLN A 526 12.10 6.43 6.64
N ALA A 527 11.04 6.01 7.35
CA ALA A 527 10.36 6.89 8.30
C ALA A 527 11.28 7.31 9.43
N ASN A 528 12.16 6.43 9.87
CA ASN A 528 13.17 6.80 10.86
C ASN A 528 14.09 7.89 10.34
N ARG A 529 14.62 7.73 9.13
CA ARG A 529 15.46 8.77 8.54
C ARG A 529 14.72 10.09 8.47
N VAL A 530 13.46 10.06 8.02
CA VAL A 530 12.70 11.32 7.91
C VAL A 530 12.50 11.95 9.28
N TRP A 531 12.08 11.15 10.26
CA TRP A 531 11.94 11.69 11.61
C TRP A 531 13.22 12.39 12.07
N GLU A 532 14.37 11.73 11.89
CA GLU A 532 15.61 12.31 12.39
C GLU A 532 16.02 13.55 11.62
N LYS A 533 15.74 13.59 10.31
CA LYS A 533 15.97 14.82 9.54
C LYS A 533 15.12 15.97 10.08
N ILE A 534 13.82 15.72 10.32
CA ILE A 534 12.97 16.77 10.90
C ILE A 534 13.50 17.21 12.25
N GLN A 535 13.87 16.25 13.10
CA GLN A 535 14.38 16.62 14.43
C GLN A 535 15.61 17.52 14.35
N LEU A 536 16.57 17.22 13.46
CA LEU A 536 17.75 18.09 13.36
C LEU A 536 17.43 19.41 12.66
N GLN A 537 16.65 19.37 11.59
CA GLN A 537 16.49 20.52 10.72
C GLN A 537 15.38 21.47 11.15
N TRP A 538 14.22 20.94 11.53
CA TRP A 538 13.03 21.74 11.87
C TRP A 538 12.34 21.15 13.09
N PRO A 539 12.99 21.19 14.25
CA PRO A 539 12.40 20.55 15.43
C PRO A 539 11.04 21.11 15.83
N HIS A 540 10.72 22.35 15.45
CA HIS A 540 9.40 22.87 15.81
C HIS A 540 8.27 22.10 15.12
N VAL A 541 8.56 21.44 13.99
CA VAL A 541 7.55 20.67 13.28
C VAL A 541 7.03 19.53 14.16
N LEU A 542 7.89 18.96 14.99
CA LEU A 542 7.49 17.84 15.82
C LEU A 542 6.88 18.30 17.13
N GLY A 543 7.01 19.58 17.47
CA GLY A 543 6.53 20.09 18.74
C GLY A 543 7.38 19.59 19.89
N LYS A 544 7.01 20.03 21.08
CA LYS A 544 7.75 19.63 22.27
C LYS A 544 7.24 18.32 22.82
N GLU A 545 8.11 17.64 23.55
CA GLU A 545 7.72 16.48 24.31
C GLU A 545 6.81 16.90 25.46
N ASN A 546 5.69 16.26 25.60
CA ASN A 546 4.71 16.69 26.58
C ASN A 546 5.14 16.23 27.96
N PRO A 547 5.41 17.13 28.91
CA PRO A 547 5.88 16.67 30.24
C PRO A 547 4.83 15.89 31.02
N PHE A 548 3.56 15.92 30.63
CA PHE A 548 2.53 15.16 31.33
C PHE A 548 2.30 13.76 30.75
N ASN A 549 3.13 13.29 29.81
CA ASN A 549 2.90 11.96 29.24
C ASN A 549 2.75 10.88 30.31
N SER A 550 3.63 10.86 31.31
CA SER A 550 3.55 9.77 32.29
C SER A 550 2.26 9.86 33.10
N GLN A 551 1.82 11.07 33.45
CA GLN A 551 0.55 11.22 34.17
C GLN A 551 -0.65 10.84 33.30
N ILE A 552 -0.58 11.14 32.00
CA ILE A 552 -1.63 10.69 31.09
C ILE A 552 -1.77 9.17 31.13
N GLU A 553 -0.63 8.45 31.11
CA GLU A 553 -0.69 6.99 31.12
CA GLU A 553 -0.69 6.99 31.12
C GLU A 553 -1.19 6.48 32.47
N GLU A 554 -0.81 7.13 33.55
CA GLU A 554 -1.23 6.69 34.89
C GLU A 554 -2.74 6.85 35.05
N VAL A 555 -3.31 7.92 34.50
CA VAL A 555 -4.75 8.12 34.66
C VAL A 555 -5.53 7.33 33.63
N PHE A 556 -5.07 7.27 32.37
CA PHE A 556 -5.90 6.73 31.29
C PHE A 556 -5.34 5.46 30.65
N GLY A 557 -4.17 4.99 31.04
CA GLY A 557 -3.67 3.73 30.50
C GLY A 557 -3.40 3.86 29.02
N ASP A 558 -3.93 2.92 28.24
CA ASP A 558 -3.77 2.91 26.78
C ASP A 558 -4.67 3.92 26.07
N GLN A 559 -5.38 4.75 26.82
CA GLN A 559 -6.17 5.85 26.27
C GLN A 559 -7.27 5.32 25.34
N GLY A 560 -7.72 4.09 25.61
CA GLY A 560 -8.79 3.49 24.83
C GLY A 560 -8.32 2.66 23.66
N GLY A 561 -7.01 2.56 23.46
CA GLY A 561 -6.47 1.86 22.32
C GLY A 561 -6.84 2.48 20.96
N HIS A 562 -6.58 1.66 19.95
CA HIS A 562 -6.83 2.05 18.57
C HIS A 562 -7.98 1.29 17.93
C1 NAG B . -22.39 10.19 21.39
C2 NAG B . -22.58 10.24 22.89
C3 NAG B . -24.06 10.11 23.21
C4 NAG B . -24.83 11.22 22.49
C5 NAG B . -24.52 11.18 20.99
C6 NAG B . -25.17 12.31 20.22
C7 NAG B . -20.93 9.46 24.55
C8 NAG B . -20.23 8.28 25.14
N2 NAG B . -21.81 9.20 23.56
O3 NAG B . -24.23 10.21 24.62
O4 NAG B . -26.22 11.09 22.70
O5 NAG B . -23.10 11.29 20.78
O6 NAG B . -24.67 13.59 20.58
O7 NAG B . -20.71 10.61 24.94
H1 NAG B . -22.74 9.36 21.04
H2 NAG B . -22.28 11.10 23.21
H3 NAG B . -24.38 9.25 22.91
H4 NAG B . -24.53 12.08 22.85
H5 NAG B . -24.83 10.33 20.63
H61 NAG B . -26.13 12.29 20.39
H62 NAG B . -25.02 12.16 19.26
H81 NAG B . -20.88 7.67 25.52
H82 NAG B . -19.62 8.57 25.83
H83 NAG B . -19.72 7.82 24.44
HN2 NAG B . -21.93 8.34 23.31
HO3 NAG B . -24.93 10.72 24.81
HO6 NAG B . -23.78 13.55 20.65
C1 NAG B . -26.74 12.29 23.34
C2 NAG B . -28.22 12.51 22.99
C3 NAG B . -28.80 13.68 23.81
C4 NAG B . -28.48 13.52 25.29
C5 NAG B . -26.97 13.31 25.47
C6 NAG B . -26.57 13.08 26.90
C7 NAG B . -28.98 11.93 20.72
C8 NAG B . -29.07 12.39 19.29
N2 NAG B . -28.38 12.77 21.57
O3 NAG B . -30.21 13.73 23.62
O4 NAG B . -28.87 14.68 26.01
O5 NAG B . -26.58 12.14 24.74
O6 NAG B . -26.88 14.21 27.71
O7 NAG B . -29.43 10.83 21.09
H1 NAG B . -26.22 13.06 23.03
H2 NAG B . -28.72 11.70 23.22
H3 NAG B . -28.40 14.50 23.49
H4 NAG B . -28.95 12.74 25.65
H5 NAG B . -26.50 14.08 25.12
H61 NAG B . -25.60 12.94 26.94
H62 NAG B . -27.03 12.30 27.25
H81 NAG B . -28.17 12.53 18.94
H82 NAG B . -29.58 13.22 19.24
H83 NAG B . -29.52 11.70 18.76
HN2 NAG B . -28.08 13.56 21.24
HO3 NAG B . -30.59 13.03 24.01
HO4 NAG B . -29.16 14.44 26.82
HO6 NAG B . -27.20 14.87 27.20
C1 NAG C . 16.70 0.79 -24.42
C2 NAG C . 16.42 0.44 -25.88
C3 NAG C . 16.84 1.59 -26.79
C4 NAG C . 16.30 2.94 -26.28
C5 NAG C . 16.60 3.10 -24.80
C6 NAG C . 15.99 4.35 -24.19
C7 NAG C . 16.51 -1.94 -26.42
C8 NAG C . 17.41 -3.09 -26.77
N2 NAG C . 17.13 -0.77 -26.24
O3 NAG C . 16.30 1.34 -28.07
O4 NAG C . 16.97 4.01 -26.93
O5 NAG C . 16.04 1.98 -24.09
O6 NAG C . 14.58 4.23 -24.05
O7 NAG C . 15.30 -2.07 -26.31
H1 NAG C . 17.65 0.90 -24.28
H2 NAG C . 15.47 0.29 -25.99
H3 NAG C . 17.81 1.64 -26.84
H4 NAG C . 15.35 3.00 -26.44
H5 NAG C . 17.56 3.10 -24.65
H61 NAG C . 16.19 5.11 -24.78
H62 NAG C . 16.39 4.50 -23.32
H81 NAG C . 18.06 -3.24 -26.06
H82 NAG C . 17.87 -2.90 -27.61
H83 NAG C . 16.87 -3.91 -26.88
HN2 NAG C . 18.03 -0.74 -26.33
HO3 NAG C . 15.41 1.36 -28.04
HO6 NAG C . 14.23 4.00 -24.83
C1 NAG C . 16.10 4.74 -27.81
C2 NAG C . 16.82 6.06 -28.09
C3 NAG C . 16.04 6.89 -29.09
C4 NAG C . 15.82 6.08 -30.37
C5 NAG C . 15.13 4.77 -30.05
C6 NAG C . 15.01 3.87 -31.25
C7 NAG C . 18.17 6.79 -26.15
C8 NAG C . 18.20 7.66 -24.93
N2 NAG C . 17.03 6.81 -26.86
O3 NAG C . 16.76 8.07 -29.38
O4 NAG C . 15.00 6.83 -31.28
O5 NAG C . 15.87 4.04 -29.06
O6 NAG C . 14.66 2.54 -30.87
O7 NAG C . 19.12 6.09 -26.48
H1 NAG C . 15.25 4.92 -27.36
H2 NAG C . 17.69 5.85 -28.48
H3 NAG C . 15.17 7.12 -28.72
H4 NAG C . 16.68 5.90 -30.79
H5 NAG C . 14.23 4.95 -29.70
H61 NAG C . 15.86 3.85 -31.72
H62 NAG C . 14.33 4.21 -31.85
H81 NAG C . 17.50 7.39 -24.32
H82 NAG C . 18.06 8.59 -25.19
H83 NAG C . 19.07 7.58 -24.49
HN2 NAG C . 16.35 7.36 -26.58
HO3 NAG C . 16.27 8.78 -29.17
HO4 NAG C . 15.52 7.31 -31.82
HO6 NAG C . 13.98 2.56 -30.30
CA CA D . -17.96 8.51 11.95
CA CA E . -17.99 10.88 15.24
CA CA F . -10.10 14.26 24.89
C1 NAG G . -0.51 31.21 11.84
C2 NAG G . -0.56 32.67 12.30
C3 NAG G . 0.83 33.32 12.22
C4 NAG G . 1.88 32.46 12.91
C5 NAG G . 1.84 31.03 12.36
C6 NAG G . 2.86 30.10 13.00
C7 NAG G . -2.63 33.95 11.92
C8 NAG G . -3.49 34.65 10.91
N2 NAG G . -1.50 33.40 11.47
O3 NAG G . 0.76 34.60 12.83
O4 NAG G . 3.18 32.99 12.66
O5 NAG G . 0.53 30.48 12.59
O6 NAG G . 2.60 29.86 14.38
O7 NAG G . -2.94 33.90 13.12
H1 NAG G . -0.31 31.18 10.89
H2 NAG G . -0.86 32.71 13.23
H3 NAG G . 1.07 33.43 11.28
H4 NAG G . 1.71 32.45 13.88
H5 NAG G . 2.00 31.06 11.41
H61 NAG G . 3.75 30.49 12.92
H62 NAG G . 2.84 29.25 12.53
H81 NAG G . -2.98 35.38 10.50
H82 NAG G . -4.28 35.00 11.36
H83 NAG G . -3.76 34.00 10.23
HN2 NAG G . -1.33 33.46 10.57
HO3 NAG G . 1.58 34.96 12.83
HO4 NAG G . 3.49 33.39 13.39
HO6 NAG G . 3.13 29.21 14.67
C1 GOL H . -11.27 24.56 25.23
O1 GOL H . -11.58 23.24 24.82
C2 GOL H . -10.01 25.01 24.49
O2 GOL H . -10.20 24.72 23.11
C3 GOL H . -9.81 26.51 24.72
O3 GOL H . -10.87 27.22 24.13
H11 GOL H . -12.10 25.23 24.99
H12 GOL H . -11.10 24.59 26.30
HO1 GOL H . -12.34 22.92 25.33
H2 GOL H . -9.15 24.45 24.88
HO2 GOL H . -10.98 25.20 22.78
H31 GOL H . -9.78 26.72 25.79
H32 GOL H . -8.86 26.82 24.29
HO3 GOL H . -10.74 28.19 24.26
O1 PX8 I . 2.43 1.13 -7.08
O2 PX8 I . 0.71 2.83 -6.86
P1 PX8 I . 1.12 1.58 -7.62
O3 PX8 I . 1.26 1.76 -9.15
O4 PX8 I . -0.06 0.43 -7.43
C1 PX8 I . 0.47 -0.80 -7.16
C2 PX8 I . -0.49 -1.95 -7.46
C3 PX8 I . -1.93 -1.49 -7.69
O5 PX8 I . -2.80 -2.47 -7.18
C4 PX8 I . -3.12 -3.52 -8.04
O6 PX8 I . -4.07 -3.39 -8.75
C5 PX8 I . -2.29 -4.79 -8.08
C6 PX8 I . -3.13 -6.06 -8.26
C7 PX8 I . -3.50 -6.24 -9.73
C8 PX8 I . -3.38 -7.72 -10.15
C9 PX8 I . -4.67 -8.47 -9.81
C10 PX8 I . -4.66 -9.84 -10.48
C11 PX8 I . -5.88 -10.64 -10.01
C12 PX8 I . -5.43 -12.06 -9.62
C13 PX8 I . -6.63 -12.97 -9.47
C14 PX8 I . -6.34 -14.15 -8.52
C15 PX8 I . -6.95 -15.48 -9.01
C16 PX8 I . -8.42 -15.37 -9.51
C17 PX8 I . -8.76 -16.54 -10.43
C18 PX8 I . -9.41 -16.06 -11.73
C19 PX8 I . -9.01 -16.98 -12.89
C20 PX8 I . -9.44 -18.41 -12.65
C21 PX8 I . -9.05 -19.31 -13.81
O7 PX8 I . -0.07 -2.57 -8.62
C22 PX8 I . 0.86 -3.59 -8.44
O8 PX8 I . 1.55 -3.56 -7.47
C23 PX8 I . 0.99 -4.69 -9.52
C24 PX8 I . 0.99 -6.10 -8.89
C25 PX8 I . 1.44 -7.16 -9.91
C26 PX8 I . 1.97 -8.42 -9.24
C27 PX8 I . 0.85 -9.38 -8.90
C28 PX8 I . 1.41 -10.81 -8.82
C29 PX8 I . 0.44 -11.90 -8.36
C30 PX8 I . -1.06 -11.54 -8.30
C31 PX8 I . -1.58 -11.65 -6.86
C32 PX8 I . -2.76 -12.60 -6.78
C33 PX8 I . -3.31 -12.57 -5.33
C34 PX8 I . -3.57 -13.99 -4.82
C35 PX8 I . -5.02 -14.11 -4.30
C36 PX8 I . -5.33 -15.51 -3.74
C37 PX8 I . -4.52 -16.59 -4.45
C38 PX8 I . -5.16 -17.98 -4.31
C39 PX8 I . -4.16 -18.99 -4.88
H2 PX8 I . 1.26 -0.93 -7.70
H3 PX8 I . 0.72 -0.83 -6.22
H4 PX8 I . -0.48 -2.58 -6.72
H5 PX8 I . -2.09 -1.37 -8.64
H6 PX8 I . -2.09 -0.65 -7.23
H7 PX8 I . -1.80 -4.86 -7.25
H8 PX8 I . -1.65 -4.74 -8.81
H9 PX8 I . -3.94 -5.99 -7.73
H10 PX8 I . -2.62 -6.84 -7.95
H11 PX8 I . -2.91 -5.71 -10.27
H12 PX8 I . -4.42 -5.96 -9.87
H13 PX8 I . -2.63 -8.13 -9.68
H14 PX8 I . -3.22 -7.77 -11.11
H15 PX8 I . -5.43 -7.96 -10.12
H16 PX8 I . -4.73 -8.57 -8.85
H17 PX8 I . -3.85 -10.33 -10.23
H18 PX8 I . -4.69 -9.74 -11.44
H19 PX8 I . -6.53 -10.69 -10.73
H20 PX8 I . -6.27 -10.21 -9.25
H21 PX8 I . -4.94 -12.02 -8.79
H22 PX8 I . -4.85 -12.41 -10.32
H23 PX8 I . -6.89 -13.32 -10.34
H24 PX8 I . -7.38 -12.46 -9.11
H25 PX8 I . -6.70 -13.95 -7.64
H26 PX8 I . -5.38 -14.26 -8.45
H27 PX8 I . -6.93 -16.12 -8.28
H28 PX8 I . -6.41 -15.82 -9.74
H29 PX8 I . -8.53 -14.53 -9.99
H30 PX8 I . -9.02 -15.38 -8.74
H31 PX8 I . -9.37 -17.13 -9.98
H32 PX8 I . -7.95 -17.03 -10.64
H33 PX8 I . -9.14 -15.16 -11.93
H34 PX8 I . -10.38 -16.10 -11.64
H35 PX8 I . -8.04 -16.95 -13.00
H36 PX8 I . -9.42 -16.66 -13.71
H37 PX8 I . -10.41 -18.43 -12.55
H38 PX8 I . -9.02 -18.74 -11.84
H39 PX8 I . -9.15 -18.84 -14.65
H40 PX8 I . -9.62 -20.10 -13.83
H41 PX8 I . -8.13 -19.59 -13.71
H42 PX8 I . 1.82 -4.56 -10.00
H43 PX8 I . 0.25 -4.62 -10.13
H44 PX8 I . 0.09 -6.32 -8.59
H45 PX8 I . 1.59 -6.11 -8.13
H46 PX8 I . 2.14 -6.77 -10.46
H47 PX8 I . 0.69 -7.39 -10.48
H48 PX8 I . 2.44 -8.18 -8.43
H49 PX8 I . 2.59 -8.86 -9.84
H50 PX8 I . 0.17 -9.35 -9.58
H51 PX8 I . 0.46 -9.15 -8.04
H52 PX8 I . 2.16 -10.80 -8.21
H53 PX8 I . 1.74 -11.05 -9.70
H54 PX8 I . 0.71 -12.18 -7.46
H55 PX8 I . 0.54 -12.66 -8.94
H56 PX8 I . -1.56 -12.16 -8.86
H57 PX8 I . -1.19 -10.64 -8.62
H58 PX8 I . -1.84 -10.77 -6.55
H59 PX8 I . -0.87 -11.98 -6.29
H60 PX8 I . -2.48 -13.49 -7.00
H61 PX8 I . -3.45 -12.31 -7.39
H62 PX8 I . -4.14 -12.06 -5.32
H63 PX8 I . -2.67 -12.13 -4.76
H64 PX8 I . -2.95 -14.19 -4.10
H65 PX8 I . -3.44 -14.62 -5.54
H66 PX8 I . -5.63 -13.93 -5.03
H67 PX8 I . -5.16 -13.45 -3.60
H68 PX8 I . -6.28 -15.70 -3.85
H69 PX8 I . -5.12 -15.52 -2.79
H70 PX8 I . -3.63 -16.62 -4.06
H71 PX8 I . -4.44 -16.37 -5.39
H72 PX8 I . -5.99 -18.00 -4.81
H73 PX8 I . -5.33 -18.16 -3.38
H74 PX8 I . -3.86 -18.69 -5.75
H75 PX8 I . -4.59 -19.85 -4.96
H76 PX8 I . -3.40 -19.06 -4.29
C1 MYR J . -6.81 -3.69 -5.35
O1 MYR J . -7.51 -2.68 -5.59
O2 MYR J . -5.57 -3.57 -5.43
C2 MYR J . -7.46 -5.00 -5.00
C3 MYR J . -7.15 -6.05 -6.07
C4 MYR J . -7.73 -7.38 -5.62
C5 MYR J . -7.53 -8.52 -6.62
C6 MYR J . -8.50 -9.66 -6.32
C7 MYR J . -7.79 -11.02 -6.24
C8 MYR J . -8.52 -12.01 -5.32
C9 MYR J . -9.48 -12.91 -6.10
C10 MYR J . -9.95 -14.07 -5.21
C11 MYR J . -10.13 -15.38 -5.99
C12 MYR J . -10.64 -16.50 -5.09
C13 MYR J . -10.72 -17.82 -5.84
C14 MYR J . -9.34 -18.45 -5.96
H21 MYR J . -8.54 -4.87 -4.94
H22 MYR J . -7.10 -5.35 -4.04
H31 MYR J . -6.07 -6.15 -6.20
H32 MYR J . -7.59 -5.77 -7.03
H41 MYR J . -8.81 -7.26 -5.44
H42 MYR J . -7.28 -7.66 -4.67
H51 MYR J . -6.51 -8.89 -6.56
H52 MYR J . -7.70 -8.15 -7.63
H61 MYR J . -9.25 -9.71 -7.09
H62 MYR J . -9.00 -9.47 -5.37
H71 MYR J . -6.77 -10.87 -5.87
H72 MYR J . -7.72 -11.44 -7.24
H81 MYR J . -9.08 -11.45 -4.57
H82 MYR J . -7.79 -12.62 -4.80
H91 MYR J . -8.98 -13.31 -6.97
H92 MYR J . -10.34 -12.33 -6.43
H101 MYR J . -10.89 -13.79 -4.74
H102 MYR J . -9.22 -14.23 -4.41
H111 MYR J . -9.18 -15.67 -6.43
H112 MYR J . -10.84 -15.21 -6.80
H121 MYR J . -11.64 -16.24 -4.72
H122 MYR J . -9.99 -16.60 -4.23
H131 MYR J . -11.12 -17.65 -6.84
H132 MYR J . -11.39 -18.49 -5.32
H141 MYR J . -8.60 -17.81 -5.49
H142 MYR J . -9.09 -18.57 -7.02
H143 MYR J . -9.34 -19.43 -5.49
#